data_6PXU
#
_entry.id   6PXU
#
_cell.length_a   72.820
_cell.length_b   73.123
_cell.length_c   74.441
_cell.angle_alpha   113.080
_cell.angle_beta   100.500
_cell.angle_gamma   108.230
#
_symmetry.space_group_name_H-M   'P 1'
#
loop_
_entity.id
_entity.type
_entity.pdbx_description
1 polymer 'Polypeptide N-acetylgalactosaminyltransferase 12'
2 polymer GAGATGAGAGYYITPRTGAGA
3 non-polymer "URIDINE-5'-DIPHOSPHATE"
4 non-polymer 1,2-ETHANEDIOL
5 non-polymer GLYCEROL
6 non-polymer 'MANGANESE (II) ION'
7 non-polymer 2-acetamido-2-deoxy-alpha-D-galactopyranose
8 water water
#
loop_
_entity_poly.entity_id
_entity_poly.type
_entity_poly.pdbx_seq_one_letter_code
_entity_poly.pdbx_strand_id
1 'polypeptide(L)'
;AQRGAGAGAAEPGPPRTPRPGRREPVMPRPPVPANALGARGEAVRLQLQGEELRLQEESVRLHQINIYLSDRISLHRRLP
ERWNPLCKEKKYDYDNLPRTSVIIAFYNEAWSTLLRTVYSVLETSPDILLEEVILVDDYSDREHLKERLANELSGLPKVR
LIRANKREGLVRARLLGASAARGDVLTFLDCHCECHEGWLEPLLQRIHEEESAVVCPVIDVIDWNTFEYLGNSGEPQIGG
FDWRLVFTWHTVPERERIRMQSPVDVIRSPTMAGGLFAVSKKYFEYLGSYDTGMEVWGGENLEFSFRIWQCGGVLETHPC
SHVGHVFPKQAPYSRNKALANSVRAAEVWMDEFKELYYHRNPRARLEPFGDVTERKQLRDKLQCKDFKWFLETVYPELHV
PEDRPGFFGMLQNKGLTDYCFDYNPPDENQIVGHQVILYLCHGMGQNQFFEYTSQKEIRYNTHQPEGCIAVEAGMDTLIM
HLCEETAPENQKFILQEDGSLFHEQSKKCVQAARKESSDSFVPLLRDCTNSDHQKWFFKERML
;
A,B
2 'polypeptide(L)' GAGATGAGAGYYITPRTGAGA C,D
#
loop_
_chem_comp.id
_chem_comp.type
_chem_comp.name
_chem_comp.formula
A2G D-saccharide, alpha linking 2-acetamido-2-deoxy-alpha-D-galactopyranose 'C8 H15 N O6'
EDO non-polymer 1,2-ETHANEDIOL 'C2 H6 O2'
GOL non-polymer GLYCEROL 'C3 H8 O3'
MN non-polymer 'MANGANESE (II) ION' 'Mn 2'
UDP RNA linking URIDINE-5'-DIPHOSPHATE 'C9 H14 N2 O12 P2'
#
# COMPACT_ATOMS: atom_id res chain seq x y z
N GLY A 13 -62.87 -6.45 -31.64
CA GLY A 13 -62.93 -7.58 -30.74
C GLY A 13 -62.86 -7.19 -29.27
N PRO A 14 -63.01 -8.17 -28.38
CA PRO A 14 -63.10 -7.87 -26.95
C PRO A 14 -61.73 -7.60 -26.35
N PRO A 15 -61.63 -6.65 -25.42
CA PRO A 15 -60.33 -6.40 -24.79
C PRO A 15 -59.77 -7.64 -24.15
N ARG A 16 -58.45 -7.78 -24.20
CA ARG A 16 -57.79 -8.93 -23.64
C ARG A 16 -57.54 -8.69 -22.16
N THR A 17 -57.44 -9.78 -21.40
CA THR A 17 -57.12 -9.64 -19.98
C THR A 17 -55.64 -9.28 -19.82
N PRO A 18 -55.31 -8.20 -19.13
CA PRO A 18 -53.91 -7.80 -19.01
C PRO A 18 -53.11 -8.75 -18.11
N ARG A 19 -51.80 -8.55 -18.15
CA ARG A 19 -50.89 -9.31 -17.31
C ARG A 19 -51.19 -9.01 -15.85
N PRO A 20 -51.35 -10.02 -14.99
CA PRO A 20 -51.70 -9.75 -13.59
C PRO A 20 -50.49 -9.32 -12.78
N GLY A 21 -50.75 -8.45 -11.83
CA GLY A 21 -49.74 -7.86 -10.96
C GLY A 21 -50.19 -6.46 -10.58
N ARG A 22 -49.73 -6.01 -9.43
CA ARG A 22 -50.03 -4.66 -8.94
C ARG A 22 -48.98 -3.66 -9.42
N ARG A 23 -49.44 -2.54 -9.97
CA ARG A 23 -48.54 -1.44 -10.31
CA ARG A 23 -48.53 -1.46 -10.30
C ARG A 23 -48.08 -0.68 -9.06
N GLU A 24 -48.83 -0.77 -7.97
CA GLU A 24 -48.47 -0.11 -6.72
C GLU A 24 -47.21 -0.74 -6.15
N PRO A 25 -46.51 -0.03 -5.27
CA PRO A 25 -45.25 -0.57 -4.73
C PRO A 25 -45.45 -1.86 -3.97
N VAL A 26 -44.35 -2.62 -3.82
CA VAL A 26 -44.41 -3.87 -3.06
C VAL A 26 -44.99 -3.65 -1.68
N MET A 27 -44.57 -2.59 -1.01
CA MET A 27 -45.05 -2.32 0.33
C MET A 27 -45.62 -0.91 0.41
N PRO A 28 -46.73 -0.73 1.11
CA PRO A 28 -47.21 0.62 1.38
C PRO A 28 -46.35 1.29 2.44
N ARG A 29 -46.33 2.63 2.39
CA ARG A 29 -45.59 3.37 3.40
CA ARG A 29 -45.58 3.35 3.42
C ARG A 29 -46.41 3.50 4.67
N PRO A 30 -45.82 3.25 5.84
CA PRO A 30 -46.55 3.41 7.09
C PRO A 30 -46.96 4.85 7.30
N PRO A 31 -47.90 5.11 8.21
CA PRO A 31 -48.28 6.49 8.54
C PRO A 31 -47.07 7.28 9.03
N VAL A 32 -46.97 8.53 8.59
CA VAL A 32 -45.86 9.39 9.01
C VAL A 32 -46.30 10.28 10.17
N PRO A 33 -45.45 10.46 11.18
CA PRO A 33 -45.67 11.55 12.13
C PRO A 33 -45.53 12.89 11.42
N ALA A 34 -46.48 13.80 11.67
CA ALA A 34 -46.50 15.07 10.96
C ALA A 34 -45.23 15.89 11.22
N ASN A 35 -44.70 15.81 12.44
CA ASN A 35 -43.54 16.60 12.86
C ASN A 35 -42.24 15.82 12.79
N ALA A 36 -42.21 14.70 12.06
CA ALA A 36 -41.04 13.85 12.05
C ALA A 36 -39.83 14.57 11.46
N LEU A 37 -38.65 14.21 11.97
CA LEU A 37 -37.40 14.78 11.50
C LEU A 37 -37.13 14.35 10.07
N GLY A 38 -36.77 15.33 9.22
CA GLY A 38 -36.34 15.01 7.88
C GLY A 38 -37.45 14.55 6.96
N ALA A 39 -38.70 14.82 7.31
CA ALA A 39 -39.83 14.16 6.65
C ALA A 39 -39.92 14.51 5.16
N ARG A 40 -39.75 15.79 4.83
CA ARG A 40 -39.84 16.25 3.44
C ARG A 40 -38.48 16.32 2.76
N GLY A 41 -37.48 15.61 3.27
CA GLY A 41 -36.14 15.69 2.71
C GLY A 41 -35.41 16.97 3.04
N GLU A 42 -35.82 17.66 4.09
CA GLU A 42 -35.22 18.92 4.50
C GLU A 42 -33.95 18.66 5.30
N ALA A 43 -33.09 19.69 5.34
CA ALA A 43 -31.90 19.63 6.16
C ALA A 43 -32.29 19.65 7.64
N VAL A 44 -31.68 18.77 8.43
CA VAL A 44 -31.86 18.77 9.88
C VAL A 44 -30.50 18.99 10.53
N ARG A 45 -30.41 20.01 11.39
CA ARG A 45 -29.24 20.22 12.22
C ARG A 45 -29.74 20.31 13.66
N LEU A 46 -29.35 19.34 14.50
CA LEU A 46 -30.00 19.14 15.78
C LEU A 46 -29.55 20.08 16.88
N GLN A 47 -28.43 20.79 16.70
CA GLN A 47 -27.87 21.66 17.74
C GLN A 47 -27.85 20.95 19.09
N LEU A 48 -27.02 19.93 19.23
CA LEU A 48 -26.98 19.17 20.46
C LEU A 48 -26.03 19.82 21.45
N GLN A 49 -26.19 19.46 22.71
CA GLN A 49 -25.21 19.84 23.71
C GLN A 49 -24.83 18.62 24.53
N GLY A 50 -23.71 18.73 25.23
CA GLY A 50 -23.26 17.71 26.17
C GLY A 50 -23.11 16.32 25.57
N GLU A 51 -23.67 15.33 26.28
CA GLU A 51 -23.39 13.93 25.94
C GLU A 51 -24.03 13.54 24.61
N GLU A 52 -25.23 14.05 24.32
CA GLU A 52 -25.81 13.82 23.01
CA GLU A 52 -25.83 13.84 23.01
C GLU A 52 -24.91 14.34 21.89
N LEU A 53 -24.34 15.54 22.08
CA LEU A 53 -23.39 16.07 21.11
C LEU A 53 -22.19 15.13 20.94
N ARG A 54 -21.68 14.58 22.03
CA ARG A 54 -20.54 13.68 21.89
C ARG A 54 -20.93 12.43 21.12
N LEU A 55 -22.15 11.92 21.35
CA LEU A 55 -22.60 10.74 20.62
C LEU A 55 -22.74 11.03 19.13
N GLN A 56 -23.20 12.25 18.78
CA GLN A 56 -23.24 12.61 17.36
C GLN A 56 -21.85 12.69 16.75
N GLU A 57 -20.90 13.31 17.45
CA GLU A 57 -19.53 13.34 16.95
C GLU A 57 -18.96 11.94 16.77
N GLU A 58 -19.21 11.05 17.73
CA GLU A 58 -18.70 9.69 17.61
C GLU A 58 -19.34 8.96 16.43
N SER A 59 -20.60 9.23 16.13
CA SER A 59 -21.20 8.56 14.99
C SER A 59 -20.60 9.07 13.68
N VAL A 60 -20.27 10.36 13.61
CA VAL A 60 -19.63 10.84 12.39
C VAL A 60 -18.21 10.27 12.27
N ARG A 61 -17.47 10.24 13.38
CA ARG A 61 -16.12 9.69 13.37
C ARG A 61 -16.13 8.23 12.96
N LEU A 62 -17.19 7.50 13.30
CA LEU A 62 -17.24 6.07 13.04
C LEU A 62 -17.82 5.72 11.67
N HIS A 63 -18.67 6.55 11.11
CA HIS A 63 -19.27 6.23 9.83
C HIS A 63 -18.97 7.22 8.72
N GLN A 64 -18.36 8.37 9.03
CA GLN A 64 -18.24 9.47 8.05
C GLN A 64 -19.62 9.93 7.58
N ILE A 65 -20.65 9.55 8.33
CA ILE A 65 -22.04 9.95 8.11
C ILE A 65 -22.62 10.26 9.48
N ASN A 66 -23.49 11.26 9.56
CA ASN A 66 -24.16 11.58 10.81
C ASN A 66 -25.23 10.51 11.09
N ILE A 67 -24.77 9.38 11.62
CA ILE A 67 -25.68 8.27 11.91
C ILE A 67 -26.51 8.56 13.15
N TYR A 68 -26.02 9.41 14.05
CA TYR A 68 -26.85 9.88 15.15
C TYR A 68 -28.14 10.49 14.63
N LEU A 69 -28.04 11.33 13.61
CA LEU A 69 -29.24 11.91 12.99
C LEU A 69 -30.04 10.88 12.20
N SER A 70 -29.35 10.04 11.41
CA SER A 70 -30.08 9.07 10.59
C SER A 70 -30.96 8.17 11.45
N ASP A 71 -30.46 7.83 12.64
CA ASP A 71 -31.21 7.00 13.57
C ASP A 71 -32.49 7.67 14.03
N ARG A 72 -32.61 8.98 13.84
CA ARG A 72 -33.78 9.73 14.27
C ARG A 72 -34.64 10.18 13.10
N ILE A 73 -34.31 9.75 11.88
CA ILE A 73 -35.11 10.00 10.69
C ILE A 73 -35.80 8.71 10.30
N SER A 74 -37.06 8.81 9.87
CA SER A 74 -37.84 7.63 9.54
C SER A 74 -37.12 6.76 8.53
N LEU A 75 -37.21 5.44 8.72
CA LEU A 75 -36.72 4.52 7.71
C LEU A 75 -37.65 4.45 6.50
N HIS A 76 -38.82 5.07 6.58
CA HIS A 76 -39.84 5.01 5.55
C HIS A 76 -40.12 6.39 4.97
N ARG A 77 -39.12 7.25 4.86
CA ARG A 77 -39.43 8.61 4.44
C ARG A 77 -39.58 8.69 2.92
N ARG A 78 -40.53 9.49 2.48
CA ARG A 78 -40.80 9.68 1.07
C ARG A 78 -40.05 10.92 0.58
N LEU A 79 -39.26 10.75 -0.47
CA LEU A 79 -38.54 11.88 -1.01
C LEU A 79 -39.51 12.85 -1.66
N PRO A 80 -39.23 14.15 -1.60
CA PRO A 80 -40.08 15.12 -2.30
C PRO A 80 -39.92 14.98 -3.81
N GLU A 81 -40.95 15.39 -4.54
CA GLU A 81 -40.91 15.41 -6.00
C GLU A 81 -39.94 16.49 -6.49
N ARG A 82 -38.92 16.08 -7.24
CA ARG A 82 -37.90 17.03 -7.69
C ARG A 82 -37.59 16.95 -9.17
N TRP A 83 -38.13 15.98 -9.89
CA TRP A 83 -37.79 15.78 -11.28
C TRP A 83 -38.49 16.79 -12.17
N ASN A 84 -38.06 16.82 -13.43
CA ASN A 84 -38.71 17.63 -14.45
C ASN A 84 -40.17 17.18 -14.58
N PRO A 85 -41.13 18.10 -14.53
CA PRO A 85 -42.54 17.70 -14.64
C PRO A 85 -42.88 16.85 -15.86
N LEU A 86 -42.13 16.95 -16.96
CA LEU A 86 -42.42 16.11 -18.12
C LEU A 86 -42.31 14.62 -17.78
N CYS A 87 -41.54 14.28 -16.75
CA CYS A 87 -41.43 12.87 -16.39
CA CYS A 87 -41.43 12.87 -16.34
C CYS A 87 -42.77 12.30 -15.91
N LYS A 88 -43.64 13.15 -15.34
CA LYS A 88 -44.96 12.69 -14.94
C LYS A 88 -45.86 12.39 -16.13
N GLU A 89 -45.51 12.88 -17.31
CA GLU A 89 -46.35 12.60 -18.47
C GLU A 89 -46.06 11.22 -19.05
N LYS A 90 -44.93 10.61 -18.69
CA LYS A 90 -44.55 9.34 -19.27
C LYS A 90 -45.56 8.26 -18.90
N LYS A 91 -46.00 7.50 -19.89
CA LYS A 91 -46.84 6.33 -19.67
C LYS A 91 -46.00 5.10 -19.94
N TYR A 92 -46.04 4.14 -19.03
CA TYR A 92 -45.26 2.92 -19.13
C TYR A 92 -46.17 1.72 -19.34
N ASP A 93 -45.68 0.76 -20.13
CA ASP A 93 -46.47 -0.41 -20.49
C ASP A 93 -46.11 -1.54 -19.54
N TYR A 94 -46.71 -1.48 -18.34
CA TYR A 94 -46.31 -2.41 -17.28
C TYR A 94 -46.44 -3.86 -17.70
N ASP A 95 -47.36 -4.17 -18.62
CA ASP A 95 -47.60 -5.55 -19.02
C ASP A 95 -46.44 -6.17 -19.78
N ASN A 96 -45.53 -5.36 -20.33
CA ASN A 96 -44.44 -5.91 -21.14
C ASN A 96 -43.05 -5.56 -20.61
N LEU A 97 -42.92 -4.79 -19.54
CA LEU A 97 -41.60 -4.43 -19.02
C LEU A 97 -40.94 -5.64 -18.34
N PRO A 98 -39.61 -5.72 -18.39
CA PRO A 98 -38.93 -6.83 -17.70
C PRO A 98 -38.92 -6.65 -16.19
N ARG A 99 -38.69 -7.75 -15.51
CA ARG A 99 -38.59 -7.76 -14.05
C ARG A 99 -37.12 -7.64 -13.61
N THR A 100 -36.90 -6.97 -12.49
CA THR A 100 -35.53 -6.75 -12.05
C THR A 100 -35.26 -7.36 -10.67
N SER A 101 -34.03 -7.86 -10.50
CA SER A 101 -33.45 -8.09 -9.18
C SER A 101 -32.64 -6.85 -8.79
N VAL A 102 -32.98 -6.25 -7.65
CA VAL A 102 -32.19 -5.15 -7.09
C VAL A 102 -31.10 -5.74 -6.21
N ILE A 103 -29.85 -5.41 -6.50
CA ILE A 103 -28.69 -5.99 -5.83
C ILE A 103 -27.97 -4.91 -5.03
N ILE A 104 -27.83 -5.16 -3.73
CA ILE A 104 -27.27 -4.19 -2.78
C ILE A 104 -26.18 -4.90 -1.99
N ALA A 105 -24.94 -4.75 -2.40
CA ALA A 105 -23.82 -5.24 -1.60
C ALA A 105 -23.52 -4.22 -0.49
N PHE A 106 -23.19 -4.71 0.70
CA PHE A 106 -22.94 -3.82 1.81
C PHE A 106 -21.78 -4.34 2.64
N TYR A 107 -20.99 -3.39 3.15
CA TYR A 107 -19.85 -3.69 4.01
C TYR A 107 -19.86 -2.72 5.17
N ASN A 108 -20.25 -3.19 6.36
CA ASN A 108 -20.18 -2.43 7.59
C ASN A 108 -21.00 -1.13 7.54
N GLU A 109 -22.08 -1.14 6.76
CA GLU A 109 -22.99 -0.01 6.72
C GLU A 109 -23.73 0.11 8.06
N ALA A 110 -24.11 1.34 8.39
CA ALA A 110 -24.94 1.58 9.56
C ALA A 110 -26.32 0.94 9.38
N TRP A 111 -26.98 0.68 10.52
CA TRP A 111 -28.29 0.02 10.51
C TRP A 111 -29.34 0.86 9.78
N SER A 112 -29.47 2.13 10.16
CA SER A 112 -30.57 2.94 9.67
C SER A 112 -30.43 3.28 8.20
N THR A 113 -29.20 3.53 7.71
CA THR A 113 -29.03 3.85 6.30
C THR A 113 -29.28 2.63 5.41
N LEU A 114 -28.81 1.47 5.85
CA LEU A 114 -29.05 0.26 5.07
C LEU A 114 -30.54 -0.08 5.02
N LEU A 115 -31.20 -0.07 6.19
CA LEU A 115 -32.59 -0.46 6.21
C LEU A 115 -33.44 0.56 5.48
N ARG A 116 -33.11 1.85 5.57
CA ARG A 116 -33.81 2.85 4.78
C ARG A 116 -33.63 2.59 3.28
N THR A 117 -32.46 2.11 2.85
CA THR A 117 -32.31 1.74 1.45
C THR A 117 -33.30 0.65 1.07
N VAL A 118 -33.39 -0.39 1.89
CA VAL A 118 -34.26 -1.53 1.59
C VAL A 118 -35.73 -1.10 1.55
N TYR A 119 -36.18 -0.38 2.58
CA TYR A 119 -37.56 0.06 2.61
C TYR A 119 -37.84 1.04 1.49
N SER A 120 -36.86 1.87 1.11
CA SER A 120 -37.06 2.77 -0.03
C SER A 120 -37.30 1.99 -1.31
N VAL A 121 -36.51 0.95 -1.55
CA VAL A 121 -36.72 0.13 -2.74
C VAL A 121 -38.10 -0.52 -2.70
N LEU A 122 -38.47 -1.11 -1.55
CA LEU A 122 -39.75 -1.82 -1.47
C LEU A 122 -40.93 -0.87 -1.57
N GLU A 123 -40.77 0.38 -1.15
CA GLU A 123 -41.88 1.31 -1.08
C GLU A 123 -41.98 2.21 -2.30
N THR A 124 -41.01 2.14 -3.21
CA THR A 124 -41.13 2.88 -4.46
C THR A 124 -41.18 2.01 -5.70
N SER A 125 -40.84 0.71 -5.62
CA SER A 125 -40.75 -0.15 -6.80
C SER A 125 -42.08 -0.85 -7.08
N PRO A 126 -42.64 -0.71 -8.28
CA PRO A 126 -43.90 -1.38 -8.60
C PRO A 126 -43.78 -2.89 -8.45
N ASP A 127 -44.77 -3.47 -7.77
CA ASP A 127 -44.72 -4.88 -7.43
C ASP A 127 -44.53 -5.76 -8.66
N ILE A 128 -45.24 -5.43 -9.75
CA ILE A 128 -45.18 -6.20 -10.98
C ILE A 128 -43.79 -6.18 -11.63
N LEU A 129 -42.96 -5.18 -11.32
CA LEU A 129 -41.64 -5.07 -11.94
C LEU A 129 -40.51 -5.57 -11.06
N LEU A 130 -40.73 -5.81 -9.78
CA LEU A 130 -39.64 -6.14 -8.87
C LEU A 130 -39.67 -7.64 -8.59
N GLU A 131 -38.66 -8.37 -9.08
CA GLU A 131 -38.55 -9.77 -8.73
C GLU A 131 -38.11 -9.96 -7.28
N GLU A 132 -37.04 -9.28 -6.87
CA GLU A 132 -36.45 -9.52 -5.55
C GLU A 132 -35.48 -8.40 -5.25
N VAL A 133 -35.22 -8.17 -3.96
CA VAL A 133 -34.11 -7.33 -3.49
C VAL A 133 -33.09 -8.28 -2.86
N ILE A 134 -31.88 -8.31 -3.39
CA ILE A 134 -30.84 -9.20 -2.91
C ILE A 134 -29.80 -8.38 -2.18
N LEU A 135 -29.69 -8.58 -0.88
CA LEU A 135 -28.65 -7.99 -0.06
C LEU A 135 -27.46 -8.94 0.01
N VAL A 136 -26.27 -8.42 -0.26
CA VAL A 136 -25.05 -9.23 -0.17
C VAL A 136 -24.16 -8.63 0.92
N ASP A 137 -24.04 -9.36 2.03
CA ASP A 137 -23.15 -9.00 3.12
C ASP A 137 -21.71 -9.35 2.74
N ASP A 138 -20.88 -8.34 2.45
CA ASP A 138 -19.49 -8.59 2.09
C ASP A 138 -18.62 -8.77 3.33
N TYR A 139 -19.00 -9.77 4.15
CA TYR A 139 -18.21 -10.18 5.31
C TYR A 139 -18.08 -9.05 6.33
N SER A 140 -19.20 -8.36 6.59
CA SER A 140 -19.20 -7.29 7.60
C SER A 140 -18.80 -7.83 8.96
N ASP A 141 -18.19 -6.97 9.78
CA ASP A 141 -17.81 -7.37 11.13
C ASP A 141 -18.65 -6.72 12.21
N ARG A 142 -19.51 -5.76 11.85
CA ARG A 142 -20.35 -5.09 12.84
C ARG A 142 -21.51 -5.99 13.28
N GLU A 143 -21.76 -6.02 14.59
CA GLU A 143 -22.68 -7.01 15.15
C GLU A 143 -24.13 -6.77 14.73
N HIS A 144 -24.54 -5.51 14.61
CA HIS A 144 -25.91 -5.23 14.18
C HIS A 144 -26.22 -5.77 12.78
N LEU A 145 -25.23 -6.15 11.99
CA LEU A 145 -25.46 -6.68 10.66
C LEU A 145 -25.55 -8.19 10.63
N LYS A 146 -25.45 -8.84 11.79
CA LYS A 146 -25.45 -10.28 11.90
C LYS A 146 -26.87 -10.77 12.15
N GLU A 147 -27.10 -11.40 13.30
CA GLU A 147 -28.40 -12.02 13.58
C GLU A 147 -29.52 -10.98 13.67
N ARG A 148 -29.21 -9.77 14.16
CA ARG A 148 -30.22 -8.72 14.21
C ARG A 148 -30.74 -8.37 12.81
N LEU A 149 -29.84 -8.30 11.83
CA LEU A 149 -30.29 -7.98 10.48
C LEU A 149 -31.12 -9.12 9.89
N ALA A 150 -30.67 -10.36 9.99
CA ALA A 150 -31.45 -11.47 9.44
C ALA A 150 -32.83 -11.52 10.08
N ASN A 151 -32.90 -11.25 11.39
CA ASN A 151 -34.20 -11.26 12.06
C ASN A 151 -35.10 -10.15 11.53
N GLU A 152 -34.56 -8.93 11.32
CA GLU A 152 -35.40 -7.83 10.82
C GLU A 152 -35.86 -8.05 9.39
N LEU A 153 -35.02 -8.67 8.55
CA LEU A 153 -35.40 -8.88 7.16
C LEU A 153 -36.23 -10.15 6.95
N SER A 154 -36.31 -11.04 7.94
CA SER A 154 -36.80 -12.41 7.68
C SER A 154 -38.21 -12.42 7.11
N GLY A 155 -39.07 -11.49 7.52
CA GLY A 155 -40.47 -11.54 7.11
C GLY A 155 -40.87 -10.70 5.91
N LEU A 156 -39.96 -9.84 5.46
CA LEU A 156 -40.24 -8.92 4.38
C LEU A 156 -40.46 -9.66 3.07
N PRO A 157 -41.40 -9.20 2.26
CA PRO A 157 -41.60 -9.82 0.94
C PRO A 157 -40.50 -9.40 -0.02
N LYS A 158 -40.11 -10.33 -0.90
CA LYS A 158 -39.16 -10.06 -1.98
C LYS A 158 -37.79 -9.55 -1.47
N VAL A 159 -37.31 -10.10 -0.35
CA VAL A 159 -35.98 -9.78 0.17
C VAL A 159 -35.20 -11.08 0.40
N ARG A 160 -33.99 -11.14 -0.11
CA ARG A 160 -33.05 -12.21 0.17
C ARG A 160 -31.79 -11.60 0.75
N LEU A 161 -31.20 -12.30 1.72
CA LEU A 161 -29.95 -11.88 2.33
C LEU A 161 -28.93 -12.99 2.14
N ILE A 162 -27.86 -12.67 1.43
CA ILE A 162 -26.77 -13.59 1.10
C ILE A 162 -25.51 -13.07 1.78
N ARG A 163 -24.71 -13.96 2.34
CA ARG A 163 -23.52 -13.57 3.09
C ARG A 163 -22.29 -14.17 2.43
N ALA A 164 -21.29 -13.34 2.15
CA ALA A 164 -20.01 -13.85 1.67
C ALA A 164 -19.30 -14.63 2.79
N ASN A 165 -18.41 -15.53 2.39
CA ASN A 165 -17.62 -16.36 3.32
C ASN A 165 -16.30 -15.71 3.70
N LYS A 166 -15.89 -14.69 2.96
CA LYS A 166 -14.68 -13.94 3.25
C LYS A 166 -14.89 -12.57 2.64
N ARG A 167 -13.99 -11.66 2.95
CA ARG A 167 -14.05 -10.33 2.36
C ARG A 167 -13.86 -10.43 0.84
N GLU A 168 -14.85 -9.94 0.11
CA GLU A 168 -14.81 -10.05 -1.35
C GLU A 168 -14.46 -8.75 -2.04
N GLY A 169 -14.81 -7.61 -1.46
CA GLY A 169 -14.77 -6.36 -2.19
C GLY A 169 -16.05 -6.18 -2.98
N LEU A 170 -16.31 -4.93 -3.37
CA LEU A 170 -17.61 -4.61 -3.96
C LEU A 170 -17.82 -5.31 -5.29
N VAL A 171 -16.77 -5.48 -6.09
CA VAL A 171 -16.93 -6.16 -7.39
C VAL A 171 -17.43 -7.60 -7.18
N ARG A 172 -16.69 -8.37 -6.38
CA ARG A 172 -17.02 -9.78 -6.26
C ARG A 172 -18.27 -9.99 -5.42
N ALA A 173 -18.56 -9.09 -4.48
CA ALA A 173 -19.83 -9.14 -3.75
C ALA A 173 -21.02 -8.88 -4.68
N ARG A 174 -20.87 -7.89 -5.57
CA ARG A 174 -21.89 -7.66 -6.58
C ARG A 174 -22.08 -8.87 -7.47
N LEU A 175 -20.98 -9.55 -7.83
CA LEU A 175 -21.10 -10.74 -8.66
C LEU A 175 -21.76 -11.90 -7.90
N LEU A 176 -21.56 -11.99 -6.58
CA LEU A 176 -22.35 -12.92 -5.80
C LEU A 176 -23.84 -12.64 -5.94
N GLY A 177 -24.22 -11.36 -5.86
CA GLY A 177 -25.62 -11.00 -6.04
C GLY A 177 -26.12 -11.33 -7.44
N ALA A 178 -25.35 -10.97 -8.47
CA ALA A 178 -25.74 -11.24 -9.85
C ALA A 178 -25.87 -12.73 -10.11
N SER A 179 -25.00 -13.52 -9.49
CA SER A 179 -25.02 -14.96 -9.67
C SER A 179 -26.32 -15.57 -9.14
N ALA A 180 -26.85 -15.02 -8.05
CA ALA A 180 -28.06 -15.52 -7.40
C ALA A 180 -29.34 -14.94 -8.00
N ALA A 181 -29.22 -13.99 -8.92
CA ALA A 181 -30.35 -13.17 -9.33
C ALA A 181 -31.30 -13.95 -10.23
N ARG A 182 -32.59 -13.71 -10.06
CA ARG A 182 -33.62 -14.42 -10.82
C ARG A 182 -34.36 -13.54 -11.82
N GLY A 183 -34.21 -12.20 -11.75
CA GLY A 183 -34.89 -11.33 -12.68
C GLY A 183 -34.19 -11.30 -14.04
N ASP A 184 -34.86 -10.67 -15.00
CA ASP A 184 -34.27 -10.44 -16.33
C ASP A 184 -33.26 -9.29 -16.32
N VAL A 185 -33.42 -8.34 -15.41
CA VAL A 185 -32.61 -7.12 -15.38
C VAL A 185 -31.98 -7.04 -13.99
N LEU A 186 -30.69 -6.75 -13.94
CA LEU A 186 -29.97 -6.49 -12.69
C LEU A 186 -29.93 -4.98 -12.46
N THR A 187 -30.40 -4.54 -11.30
CA THR A 187 -30.27 -3.14 -10.91
C THR A 187 -29.41 -3.05 -9.65
N PHE A 188 -28.26 -2.40 -9.76
CA PHE A 188 -27.35 -2.23 -8.63
C PHE A 188 -27.59 -0.89 -7.94
N LEU A 189 -27.68 -0.94 -6.62
CA LEU A 189 -27.74 0.23 -5.75
C LEU A 189 -26.71 0.07 -4.63
N ASP A 190 -26.30 1.20 -4.03
CA ASP A 190 -25.51 1.18 -2.82
C ASP A 190 -26.41 1.01 -1.61
N CYS A 191 -25.80 0.70 -0.48
CA CYS A 191 -26.57 0.45 0.74
C CYS A 191 -26.90 1.73 1.50
N HIS A 192 -26.77 2.90 0.86
CA HIS A 192 -27.13 4.16 1.50
C HIS A 192 -27.77 5.06 0.43
N CYS A 193 -28.84 4.56 -0.15
CA CYS A 193 -29.58 5.24 -1.19
C CYS A 193 -31.03 5.42 -0.77
N GLU A 194 -31.67 6.38 -1.39
CA GLU A 194 -33.10 6.61 -1.20
C GLU A 194 -33.67 6.90 -2.58
N CYS A 195 -34.75 6.24 -2.94
CA CYS A 195 -35.30 6.32 -4.29
C CYS A 195 -36.35 7.41 -4.37
N HIS A 196 -36.24 8.24 -5.39
CA HIS A 196 -37.31 9.13 -5.82
C HIS A 196 -38.48 8.28 -6.32
N GLU A 197 -39.69 8.82 -6.22
CA GLU A 197 -40.83 8.12 -6.80
C GLU A 197 -40.61 7.94 -8.30
N GLY A 198 -41.07 6.80 -8.83
CA GLY A 198 -40.95 6.54 -10.25
C GLY A 198 -39.55 6.29 -10.80
N TRP A 199 -38.62 5.84 -9.96
CA TRP A 199 -37.23 5.73 -10.41
C TRP A 199 -37.00 4.52 -11.31
N LEU A 200 -37.81 3.48 -11.17
CA LEU A 200 -37.49 2.19 -11.78
C LEU A 200 -38.02 2.03 -13.21
N GLU A 201 -39.26 2.48 -13.47
CA GLU A 201 -39.86 2.36 -14.80
C GLU A 201 -39.00 2.92 -15.93
N PRO A 202 -38.41 4.12 -15.82
CA PRO A 202 -37.59 4.61 -16.95
C PRO A 202 -36.43 3.70 -17.29
N LEU A 203 -35.73 3.15 -16.29
CA LEU A 203 -34.62 2.24 -16.52
C LEU A 203 -35.09 0.99 -17.25
N LEU A 204 -36.19 0.40 -16.76
CA LEU A 204 -36.64 -0.86 -17.34
C LEU A 204 -37.19 -0.63 -18.75
N GLN A 205 -37.89 0.48 -18.96
CA GLN A 205 -38.39 0.81 -20.29
C GLN A 205 -37.24 0.99 -21.29
N ARG A 206 -36.15 1.62 -20.84
CA ARG A 206 -35.05 1.81 -21.76
C ARG A 206 -34.42 0.47 -22.13
N ILE A 207 -34.22 -0.41 -21.14
CA ILE A 207 -33.64 -1.72 -21.46
C ILE A 207 -34.61 -2.56 -22.29
N HIS A 208 -35.91 -2.32 -22.10
CA HIS A 208 -36.94 -2.94 -22.94
C HIS A 208 -36.80 -2.53 -24.40
N GLU A 209 -36.42 -1.27 -24.65
CA GLU A 209 -36.16 -0.83 -26.03
C GLU A 209 -34.82 -1.39 -26.55
N GLU A 210 -33.75 -1.32 -25.76
CA GLU A 210 -32.41 -1.69 -26.21
C GLU A 210 -31.73 -2.61 -25.20
N GLU A 211 -31.52 -3.87 -25.61
CA GLU A 211 -30.91 -4.88 -24.74
C GLU A 211 -29.49 -4.52 -24.35
N SER A 212 -28.77 -3.80 -25.19
CA SER A 212 -27.37 -3.47 -24.94
C SER A 212 -27.19 -2.10 -24.29
N ALA A 213 -28.25 -1.52 -23.75
CA ALA A 213 -28.10 -0.28 -22.98
C ALA A 213 -27.89 -0.59 -21.51
N VAL A 214 -26.85 0.01 -20.93
CA VAL A 214 -26.65 0.09 -19.50
C VAL A 214 -27.13 1.47 -19.08
N VAL A 215 -28.10 1.52 -18.16
CA VAL A 215 -28.83 2.75 -17.90
C VAL A 215 -28.70 3.10 -16.41
N CYS A 216 -28.32 4.34 -16.13
CA CYS A 216 -28.05 4.83 -14.79
C CYS A 216 -29.07 5.88 -14.41
N PRO A 217 -29.48 5.91 -13.14
CA PRO A 217 -30.26 7.05 -12.65
C PRO A 217 -29.38 8.29 -12.58
N VAL A 218 -30.01 9.46 -12.52
CA VAL A 218 -29.24 10.61 -12.08
C VAL A 218 -29.07 10.51 -10.58
N ILE A 219 -27.83 10.65 -10.13
CA ILE A 219 -27.46 10.43 -8.75
C ILE A 219 -27.55 11.77 -8.03
N ASP A 220 -28.46 11.87 -7.09
CA ASP A 220 -28.67 13.09 -6.33
C ASP A 220 -27.94 13.00 -4.99
N VAL A 221 -27.56 14.15 -4.47
CA VAL A 221 -26.91 14.16 -3.16
C VAL A 221 -27.95 14.09 -2.05
N ILE A 222 -27.72 13.18 -1.11
CA ILE A 222 -28.26 13.27 0.24
C ILE A 222 -27.09 13.65 1.16
N ASP A 223 -27.22 14.77 1.86
CA ASP A 223 -26.09 15.31 2.61
C ASP A 223 -25.78 14.41 3.82
N TRP A 224 -24.49 14.06 3.98
CA TRP A 224 -24.10 13.11 5.03
C TRP A 224 -24.28 13.68 6.43
N ASN A 225 -24.39 14.99 6.57
CA ASN A 225 -24.50 15.60 7.89
C ASN A 225 -25.92 15.98 8.23
N THR A 226 -26.70 16.43 7.25
CA THR A 226 -28.06 16.88 7.50
C THR A 226 -29.13 15.97 6.93
N PHE A 227 -28.77 15.07 6.02
CA PHE A 227 -29.68 14.20 5.27
C PHE A 227 -30.66 14.97 4.38
N GLU A 228 -30.31 16.21 4.04
CA GLU A 228 -31.06 16.97 3.06
C GLU A 228 -30.98 16.32 1.70
N TYR A 229 -32.10 16.28 0.98
CA TYR A 229 -32.17 15.75 -0.38
C TYR A 229 -31.98 16.89 -1.36
N LEU A 230 -30.96 16.78 -2.22
CA LEU A 230 -30.55 17.84 -3.14
C LEU A 230 -30.86 17.53 -4.61
N GLY A 231 -31.87 16.70 -4.87
CA GLY A 231 -32.28 16.49 -6.24
C GLY A 231 -32.99 17.71 -6.79
N ASN A 232 -32.87 17.91 -8.11
CA ASN A 232 -33.52 19.03 -8.75
C ASN A 232 -33.92 18.65 -10.17
N SER A 233 -34.69 19.54 -10.79
CA SER A 233 -35.34 19.30 -12.08
C SER A 233 -34.51 19.75 -13.27
N GLY A 234 -33.28 20.20 -13.05
CA GLY A 234 -32.47 20.66 -14.16
C GLY A 234 -31.81 19.51 -14.89
N GLU A 235 -31.17 19.86 -15.99
CA GLU A 235 -30.39 18.89 -16.74
C GLU A 235 -29.28 18.31 -15.87
N PRO A 236 -29.14 17.00 -15.78
CA PRO A 236 -28.10 16.41 -14.94
C PRO A 236 -26.72 16.49 -15.56
N GLN A 237 -25.71 16.30 -14.69
CA GLN A 237 -24.35 16.07 -15.09
C GLN A 237 -24.19 14.63 -15.57
N ILE A 238 -23.15 14.39 -16.37
CA ILE A 238 -22.87 13.05 -16.88
C ILE A 238 -21.40 12.75 -16.60
N GLY A 239 -21.02 11.49 -16.79
CA GLY A 239 -19.74 11.00 -16.29
C GLY A 239 -18.60 11.09 -17.30
N GLY A 240 -17.42 11.49 -16.82
CA GLY A 240 -16.20 11.43 -17.60
C GLY A 240 -15.04 11.07 -16.71
N PHE A 241 -13.82 11.47 -17.09
CA PHE A 241 -12.62 11.18 -16.32
C PHE A 241 -11.51 12.13 -16.75
N ASP A 242 -10.47 12.21 -15.93
CA ASP A 242 -9.28 12.94 -16.34
C ASP A 242 -8.13 11.95 -16.49
N TRP A 243 -6.95 12.47 -16.83
CA TRP A 243 -5.84 11.59 -17.16
C TRP A 243 -5.07 11.11 -15.95
N ARG A 244 -5.52 11.41 -14.74
CA ARG A 244 -5.16 10.60 -13.58
C ARG A 244 -6.05 9.36 -13.46
N LEU A 245 -7.01 9.21 -14.37
CA LEU A 245 -7.99 8.12 -14.34
C LEU A 245 -8.86 8.21 -13.09
N VAL A 246 -9.25 9.42 -12.72
CA VAL A 246 -10.26 9.60 -11.69
C VAL A 246 -11.54 10.09 -12.36
N PHE A 247 -12.66 9.52 -11.93
CA PHE A 247 -13.96 9.88 -12.45
C PHE A 247 -14.24 11.35 -12.14
N THR A 248 -14.81 12.06 -13.11
CA THR A 248 -15.24 13.44 -12.86
C THR A 248 -16.59 13.65 -13.51
N TRP A 249 -17.31 14.68 -13.09
CA TRP A 249 -18.58 15.03 -13.69
C TRP A 249 -18.39 16.12 -14.73
N HIS A 250 -19.26 16.15 -15.74
CA HIS A 250 -19.26 17.32 -16.62
C HIS A 250 -20.65 17.58 -17.14
N THR A 251 -20.80 18.74 -17.75
CA THR A 251 -22.06 19.16 -18.35
C THR A 251 -22.23 18.48 -19.70
N VAL A 252 -23.47 18.16 -20.02
CA VAL A 252 -23.82 17.52 -21.30
C VAL A 252 -23.38 18.40 -22.46
N PRO A 253 -22.64 17.87 -23.42
CA PRO A 253 -22.21 18.68 -24.56
C PRO A 253 -23.36 18.97 -25.52
N GLU A 254 -23.13 19.95 -26.38
CA GLU A 254 -24.14 20.34 -27.36
C GLU A 254 -24.41 19.21 -28.34
N ARG A 255 -23.36 18.47 -28.72
CA ARG A 255 -23.53 17.34 -29.61
C ARG A 255 -24.61 16.39 -29.09
N GLU A 256 -24.51 16.02 -27.81
CA GLU A 256 -25.50 15.09 -27.24
C GLU A 256 -26.84 15.76 -27.02
N ARG A 257 -26.86 17.04 -26.62
CA ARG A 257 -28.14 17.68 -26.37
C ARG A 257 -28.95 17.84 -27.65
N ILE A 258 -28.27 18.01 -28.79
CA ILE A 258 -28.98 18.12 -30.06
C ILE A 258 -29.71 16.82 -30.39
N ARG A 259 -29.10 15.69 -30.04
CA ARG A 259 -29.65 14.37 -30.34
C ARG A 259 -30.81 13.96 -29.43
N MET A 260 -31.02 14.64 -28.31
CA MET A 260 -32.16 14.35 -27.44
C MET A 260 -33.44 14.92 -28.06
N GLN A 261 -34.49 14.09 -28.12
CA GLN A 261 -35.76 14.59 -28.67
C GLN A 261 -36.53 15.40 -27.64
N SER A 262 -36.35 15.14 -26.34
CA SER A 262 -36.94 16.01 -25.33
C SER A 262 -35.94 16.12 -24.17
N PRO A 263 -36.15 17.04 -23.23
CA PRO A 263 -35.23 17.12 -22.07
C PRO A 263 -35.24 15.87 -21.18
N VAL A 264 -36.27 15.04 -21.22
CA VAL A 264 -36.34 13.88 -20.35
C VAL A 264 -36.01 12.58 -21.10
N ASP A 265 -35.37 12.65 -22.26
CA ASP A 265 -34.91 11.44 -22.93
CA ASP A 265 -34.97 11.38 -22.81
C ASP A 265 -33.51 11.09 -22.42
N VAL A 266 -33.10 9.86 -22.71
CA VAL A 266 -31.85 9.33 -22.20
C VAL A 266 -30.65 10.06 -22.80
N ILE A 267 -29.54 10.10 -22.05
CA ILE A 267 -28.35 10.90 -22.39
C ILE A 267 -27.12 9.99 -22.38
N ARG A 268 -26.41 9.92 -23.49
CA ARG A 268 -25.20 9.11 -23.54
C ARG A 268 -24.10 9.69 -22.66
N SER A 269 -23.40 8.82 -21.95
CA SER A 269 -22.43 9.26 -20.97
C SER A 269 -21.14 8.46 -21.17
N PRO A 270 -20.00 9.13 -21.32
CA PRO A 270 -18.73 8.39 -21.48
C PRO A 270 -18.45 7.40 -20.35
N THR A 271 -18.72 7.76 -19.09
CA THR A 271 -18.43 6.88 -17.95
C THR A 271 -19.58 6.95 -16.97
N MET A 272 -19.60 6.02 -16.01
CA MET A 272 -20.63 6.00 -14.98
C MET A 272 -20.00 6.29 -13.62
N ALA A 273 -20.74 7.04 -12.80
CA ALA A 273 -20.32 7.26 -11.42
C ALA A 273 -20.14 5.94 -10.69
N GLY A 274 -20.82 4.89 -11.14
CA GLY A 274 -20.52 3.59 -10.61
C GLY A 274 -21.48 3.21 -9.51
N GLY A 275 -21.91 1.96 -9.52
CA GLY A 275 -22.66 1.44 -8.42
C GLY A 275 -24.15 1.58 -8.52
N LEU A 276 -24.66 2.52 -9.34
CA LEU A 276 -26.11 2.68 -9.52
C LEU A 276 -26.39 2.54 -11.01
N PHE A 277 -26.87 1.36 -11.40
CA PHE A 277 -27.16 1.20 -12.83
C PHE A 277 -27.98 -0.07 -13.01
N ALA A 278 -28.69 -0.12 -14.13
CA ALA A 278 -29.49 -1.28 -14.52
C ALA A 278 -28.96 -1.83 -15.84
N VAL A 279 -29.04 -3.16 -15.99
CA VAL A 279 -28.49 -3.84 -17.16
C VAL A 279 -29.19 -5.18 -17.29
N SER A 280 -29.50 -5.58 -18.53
CA SER A 280 -29.94 -6.93 -18.78
C SER A 280 -28.94 -7.93 -18.21
N LYS A 281 -29.45 -8.98 -17.55
CA LYS A 281 -28.57 -9.98 -16.96
C LYS A 281 -27.81 -10.77 -18.03
N LYS A 282 -28.49 -11.12 -19.12
CA LYS A 282 -27.80 -11.81 -20.20
C LYS A 282 -26.74 -10.93 -20.84
N TYR A 283 -26.99 -9.62 -20.93
CA TYR A 283 -26.02 -8.72 -21.54
C TYR A 283 -24.84 -8.48 -20.61
N PHE A 284 -25.09 -8.30 -19.32
CA PHE A 284 -24.01 -8.19 -18.35
C PHE A 284 -23.09 -9.40 -18.43
N GLU A 285 -23.67 -10.61 -18.49
CA GLU A 285 -22.84 -11.80 -18.67
C GLU A 285 -22.15 -11.83 -20.03
N TYR A 286 -22.84 -11.41 -21.10
CA TYR A 286 -22.21 -11.39 -22.42
C TYR A 286 -20.96 -10.51 -22.43
N LEU A 287 -21.02 -9.36 -21.75
CA LEU A 287 -19.90 -8.42 -21.75
C LEU A 287 -18.78 -8.83 -20.82
N GLY A 288 -18.89 -9.95 -20.11
CA GLY A 288 -17.89 -10.32 -19.16
C GLY A 288 -18.06 -9.71 -17.78
N SER A 289 -19.28 -9.30 -17.42
CA SER A 289 -19.65 -8.81 -16.08
C SER A 289 -18.64 -7.81 -15.49
N TYR A 290 -17.88 -8.21 -14.48
CA TYR A 290 -16.85 -7.38 -13.87
C TYR A 290 -15.52 -8.12 -13.89
N ASP A 291 -14.42 -7.38 -13.93
CA ASP A 291 -13.08 -7.95 -13.77
C ASP A 291 -12.95 -8.44 -12.32
N THR A 292 -12.94 -9.77 -12.13
CA THR A 292 -12.84 -10.32 -10.79
C THR A 292 -11.48 -10.08 -10.16
N GLY A 293 -10.51 -9.55 -10.91
CA GLY A 293 -9.22 -9.19 -10.37
C GLY A 293 -9.17 -7.84 -9.67
N MET A 294 -10.24 -7.07 -9.74
CA MET A 294 -10.30 -5.83 -8.97
C MET A 294 -10.69 -6.10 -7.51
N GLU A 295 -10.11 -5.30 -6.60
CA GLU A 295 -10.16 -5.52 -5.17
C GLU A 295 -10.78 -4.35 -4.43
N VAL A 296 -11.64 -4.65 -3.46
CA VAL A 296 -12.16 -3.69 -2.48
C VAL A 296 -13.03 -2.58 -3.10
N TRP A 297 -12.40 -1.61 -3.78
CA TRP A 297 -13.08 -0.37 -4.18
C TRP A 297 -12.27 0.36 -5.24
N GLY A 298 -12.97 1.05 -6.15
CA GLY A 298 -12.35 1.95 -7.10
C GLY A 298 -11.99 1.32 -8.42
N GLY A 299 -12.13 2.09 -9.51
CA GLY A 299 -11.64 1.69 -10.82
C GLY A 299 -12.55 0.80 -11.64
N GLU A 300 -13.50 0.08 -11.02
CA GLU A 300 -14.33 -0.82 -11.81
C GLU A 300 -15.32 -0.07 -12.67
N ASN A 301 -15.80 1.08 -12.21
CA ASN A 301 -16.74 1.87 -13.00
C ASN A 301 -16.10 2.34 -14.30
N LEU A 302 -14.81 2.74 -14.25
CA LEU A 302 -14.12 3.14 -15.47
C LEU A 302 -13.90 1.97 -16.40
N GLU A 303 -13.39 0.84 -15.87
CA GLU A 303 -13.19 -0.32 -16.72
C GLU A 303 -14.50 -0.75 -17.37
N PHE A 304 -15.59 -0.77 -16.59
CA PHE A 304 -16.87 -1.20 -17.15
C PHE A 304 -17.36 -0.24 -18.22
N SER A 305 -17.22 1.06 -17.99
CA SER A 305 -17.59 2.05 -19.01
C SER A 305 -16.83 1.85 -20.32
N PHE A 306 -15.50 1.75 -20.22
CA PHE A 306 -14.69 1.51 -21.40
C PHE A 306 -15.13 0.24 -22.12
N ARG A 307 -15.38 -0.82 -21.35
CA ARG A 307 -15.77 -2.08 -21.96
C ARG A 307 -17.11 -1.96 -22.67
N ILE A 308 -18.09 -1.29 -22.05
CA ILE A 308 -19.41 -1.14 -22.66
C ILE A 308 -19.30 -0.44 -24.01
N TRP A 309 -18.59 0.69 -24.06
CA TRP A 309 -18.55 1.43 -25.31
C TRP A 309 -17.71 0.71 -26.37
N GLN A 310 -16.53 0.23 -25.98
CA GLN A 310 -15.63 -0.36 -26.94
C GLN A 310 -16.16 -1.69 -27.45
N CYS A 311 -17.01 -2.39 -26.69
CA CYS A 311 -17.50 -3.69 -27.10
C CYS A 311 -18.92 -3.66 -27.63
N GLY A 312 -19.47 -2.48 -27.94
CA GLY A 312 -20.69 -2.40 -28.74
C GLY A 312 -21.98 -1.98 -28.04
N GLY A 313 -21.96 -1.68 -26.74
CA GLY A 313 -23.14 -1.23 -26.05
C GLY A 313 -23.25 0.29 -25.99
N VAL A 314 -24.21 0.74 -25.20
CA VAL A 314 -24.38 2.16 -24.94
C VAL A 314 -24.56 2.33 -23.44
N LEU A 315 -23.97 3.39 -22.89
CA LEU A 315 -24.08 3.76 -21.49
C LEU A 315 -24.84 5.08 -21.43
N GLU A 316 -25.92 5.11 -20.65
CA GLU A 316 -26.85 6.23 -20.68
C GLU A 316 -27.31 6.61 -19.29
N THR A 317 -27.52 7.92 -19.10
CA THR A 317 -28.18 8.46 -17.92
C THR A 317 -29.63 8.75 -18.27
N HIS A 318 -30.55 8.32 -17.41
CA HIS A 318 -31.96 8.59 -17.68
C HIS A 318 -32.46 9.72 -16.78
N PRO A 319 -32.78 10.89 -17.35
CA PRO A 319 -33.21 12.03 -16.52
C PRO A 319 -34.49 11.81 -15.72
N CYS A 320 -35.31 10.80 -16.04
CA CYS A 320 -36.52 10.59 -15.27
CA CYS A 320 -36.55 10.53 -15.32
C CYS A 320 -36.32 9.72 -14.05
N SER A 321 -35.18 9.06 -13.94
CA SER A 321 -34.85 8.20 -12.82
C SER A 321 -33.92 8.94 -11.88
N HIS A 322 -34.35 9.14 -10.63
CA HIS A 322 -33.56 9.84 -9.62
C HIS A 322 -33.34 8.92 -8.43
N VAL A 323 -32.09 8.81 -7.99
CA VAL A 323 -31.76 8.05 -6.79
C VAL A 323 -30.81 8.91 -5.96
N GLY A 324 -31.21 9.23 -4.74
CA GLY A 324 -30.32 9.92 -3.81
C GLY A 324 -29.30 8.97 -3.19
N HIS A 325 -28.12 9.52 -2.91
CA HIS A 325 -26.98 8.72 -2.45
C HIS A 325 -26.28 9.49 -1.34
N VAL A 326 -26.04 8.86 -0.20
CA VAL A 326 -25.36 9.55 0.89
C VAL A 326 -23.85 9.53 0.66
N PHE A 327 -23.33 10.54 -0.05
CA PHE A 327 -21.90 10.70 -0.21
C PHE A 327 -21.25 10.96 1.16
N PRO A 328 -20.27 10.16 1.57
CA PRO A 328 -19.70 10.31 2.91
C PRO A 328 -18.76 11.51 3.03
N LYS A 329 -18.52 11.91 4.30
CA LYS A 329 -17.57 12.99 4.59
C LYS A 329 -16.19 12.67 4.02
N GLN A 330 -15.71 11.45 4.23
CA GLN A 330 -14.51 10.95 3.60
C GLN A 330 -14.70 9.45 3.43
N ALA A 331 -13.65 8.77 2.95
CA ALA A 331 -13.71 7.32 2.78
C ALA A 331 -14.05 6.65 4.12
N PRO A 332 -15.09 5.81 4.19
CA PRO A 332 -15.43 5.18 5.48
C PRO A 332 -14.58 3.97 5.84
N TYR A 333 -13.77 3.47 4.91
CA TYR A 333 -12.90 2.33 5.13
C TYR A 333 -11.69 2.55 4.22
N SER A 334 -10.64 1.74 4.43
CA SER A 334 -9.40 1.91 3.67
C SER A 334 -9.63 1.61 2.20
N ARG A 335 -9.34 2.58 1.35
CA ARG A 335 -9.40 2.39 -0.10
C ARG A 335 -7.98 2.51 -0.63
N ASN A 336 -7.27 1.38 -0.59
CA ASN A 336 -5.87 1.32 -1.02
C ASN A 336 -5.68 0.53 -2.30
N LYS A 337 -6.76 0.14 -2.98
CA LYS A 337 -6.66 -0.67 -4.20
C LYS A 337 -7.12 0.07 -5.45
N ALA A 338 -7.61 1.31 -5.32
CA ALA A 338 -8.10 2.04 -6.47
C ALA A 338 -7.00 2.17 -7.52
N LEU A 339 -5.75 2.38 -7.10
CA LEU A 339 -4.67 2.57 -8.07
C LEU A 339 -4.42 1.29 -8.85
N ALA A 340 -4.25 0.16 -8.17
CA ALA A 340 -4.09 -1.12 -8.86
C ALA A 340 -5.29 -1.45 -9.76
N ASN A 341 -6.50 -1.17 -9.28
CA ASN A 341 -7.67 -1.43 -10.12
C ASN A 341 -7.64 -0.57 -11.38
N SER A 342 -7.22 0.69 -11.25
CA SER A 342 -7.17 1.59 -12.38
C SER A 342 -6.11 1.16 -13.37
N VAL A 343 -5.01 0.60 -12.86
CA VAL A 343 -3.96 0.06 -13.72
C VAL A 343 -4.50 -1.14 -14.51
N ARG A 344 -5.29 -2.00 -13.88
CA ARG A 344 -5.90 -3.11 -14.61
C ARG A 344 -6.78 -2.62 -15.76
N ALA A 345 -7.58 -1.58 -15.49
CA ALA A 345 -8.39 -0.98 -16.56
C ALA A 345 -7.50 -0.40 -17.67
N ALA A 346 -6.43 0.31 -17.29
CA ALA A 346 -5.59 0.99 -18.27
C ALA A 346 -4.86 -0.01 -19.14
N GLU A 347 -4.32 -1.06 -18.52
CA GLU A 347 -3.56 -2.06 -19.27
C GLU A 347 -4.46 -2.85 -20.20
N VAL A 348 -5.74 -3.01 -19.87
CA VAL A 348 -6.57 -3.80 -20.79
C VAL A 348 -7.20 -2.92 -21.88
N TRP A 349 -7.63 -1.70 -21.58
CA TRP A 349 -8.49 -0.98 -22.50
C TRP A 349 -7.90 0.25 -23.19
N MET A 350 -6.85 0.87 -22.63
CA MET A 350 -6.48 2.21 -23.08
C MET A 350 -5.39 2.24 -24.14
N ASP A 351 -4.82 1.09 -24.50
CA ASP A 351 -3.80 1.02 -25.53
C ASP A 351 -2.70 2.04 -25.23
N GLU A 352 -2.20 2.74 -26.24
CA GLU A 352 -1.04 3.63 -26.06
C GLU A 352 -1.37 4.82 -25.16
N PHE A 353 -2.65 5.13 -25.00
CA PHE A 353 -3.03 6.23 -24.13
C PHE A 353 -2.80 5.94 -22.65
N LYS A 354 -2.51 4.68 -22.28
CA LYS A 354 -2.15 4.43 -20.89
C LYS A 354 -0.92 5.26 -20.50
N GLU A 355 -0.07 5.61 -21.47
CA GLU A 355 1.13 6.36 -21.12
C GLU A 355 0.78 7.75 -20.60
N LEU A 356 -0.27 8.38 -21.16
CA LEU A 356 -0.64 9.69 -20.63
C LEU A 356 -1.03 9.59 -19.17
N TYR A 357 -1.61 8.45 -18.78
CA TYR A 357 -1.94 8.18 -17.39
C TYR A 357 -0.67 8.01 -16.56
N TYR A 358 0.25 7.16 -17.03
CA TYR A 358 1.46 6.90 -16.26
C TYR A 358 2.28 8.15 -16.04
N HIS A 359 2.22 9.08 -16.99
CA HIS A 359 2.99 10.32 -16.88
C HIS A 359 2.45 11.22 -15.78
N ARG A 360 1.14 11.16 -15.53
CA ARG A 360 0.49 12.07 -14.60
C ARG A 360 0.25 11.44 -13.24
N ASN A 361 0.38 10.13 -13.13
CA ASN A 361 0.34 9.43 -11.85
C ASN A 361 1.47 8.43 -11.86
N PRO A 362 2.69 8.87 -11.53
CA PRO A 362 3.85 7.98 -11.65
C PRO A 362 3.81 6.80 -10.69
N ARG A 363 3.11 6.91 -9.56
CA ARG A 363 2.96 5.78 -8.64
C ARG A 363 2.36 4.55 -9.34
N ALA A 364 1.55 4.76 -10.38
CA ALA A 364 0.93 3.63 -11.06
C ALA A 364 1.97 2.71 -11.67
N ARG A 365 3.15 3.24 -12.01
CA ARG A 365 4.20 2.40 -12.59
C ARG A 365 4.61 1.29 -11.63
N LEU A 366 4.64 1.59 -10.32
CA LEU A 366 5.12 0.64 -9.31
C LEU A 366 4.05 -0.31 -8.78
N GLU A 367 2.78 -0.05 -9.06
CA GLU A 367 1.71 -0.75 -8.39
C GLU A 367 1.49 -2.15 -8.98
N PRO A 368 1.57 -3.21 -8.17
CA PRO A 368 1.22 -4.54 -8.68
C PRO A 368 -0.26 -4.58 -9.05
N PHE A 369 -0.55 -5.13 -10.22
CA PHE A 369 -1.93 -5.20 -10.68
C PHE A 369 -2.38 -6.61 -11.05
N GLY A 370 -1.53 -7.61 -10.89
CA GLY A 370 -1.93 -8.98 -11.09
C GLY A 370 -1.94 -9.39 -12.56
N ASP A 371 -2.78 -10.36 -12.87
CA ASP A 371 -2.84 -10.98 -14.18
C ASP A 371 -4.09 -10.48 -14.88
N VAL A 372 -3.92 -9.87 -16.06
CA VAL A 372 -5.03 -9.42 -16.88
C VAL A 372 -5.16 -10.23 -18.17
N THR A 373 -4.49 -11.39 -18.25
CA THR A 373 -4.51 -12.21 -19.46
C THR A 373 -5.94 -12.55 -19.87
N GLU A 374 -6.77 -12.94 -18.91
CA GLU A 374 -8.13 -13.32 -19.26
C GLU A 374 -8.97 -12.11 -19.69
N ARG A 375 -8.75 -10.93 -19.11
CA ARG A 375 -9.50 -9.77 -19.58
C ARG A 375 -9.04 -9.37 -20.98
N LYS A 376 -7.74 -9.49 -21.29
CA LYS A 376 -7.28 -9.23 -22.65
C LYS A 376 -7.89 -10.23 -23.64
N GLN A 377 -8.01 -11.49 -23.22
CA GLN A 377 -8.67 -12.48 -24.07
C GLN A 377 -10.14 -12.14 -24.24
N LEU A 378 -10.79 -11.64 -23.18
CA LEU A 378 -12.16 -11.17 -23.30
C LEU A 378 -12.28 -10.07 -24.35
N ARG A 379 -11.34 -9.11 -24.31
CA ARG A 379 -11.37 -8.03 -25.29
C ARG A 379 -11.24 -8.56 -26.72
N ASP A 380 -10.36 -9.57 -26.93
CA ASP A 380 -10.22 -10.13 -28.27
C ASP A 380 -11.47 -10.91 -28.70
N LYS A 381 -12.05 -11.69 -27.79
CA LYS A 381 -13.23 -12.48 -28.10
C LYS A 381 -14.41 -11.61 -28.51
N LEU A 382 -14.63 -10.49 -27.81
CA LEU A 382 -15.73 -9.57 -28.11
C LEU A 382 -15.43 -8.64 -29.28
N GLN A 383 -14.22 -8.69 -29.86
CA GLN A 383 -13.82 -7.88 -31.01
C GLN A 383 -14.05 -6.39 -30.75
N CYS A 384 -13.58 -5.92 -29.61
CA CYS A 384 -13.89 -4.56 -29.19
C CYS A 384 -13.10 -3.54 -30.00
N LYS A 385 -13.67 -2.34 -30.12
CA LYS A 385 -13.00 -1.21 -30.75
C LYS A 385 -11.89 -0.67 -29.84
N ASP A 386 -11.00 0.15 -30.41
CA ASP A 386 -9.83 0.55 -29.64
C ASP A 386 -10.10 1.85 -28.90
N PHE A 387 -9.11 2.25 -28.08
CA PHE A 387 -9.32 3.40 -27.22
C PHE A 387 -9.32 4.71 -28.02
N LYS A 388 -8.57 4.76 -29.11
CA LYS A 388 -8.61 5.95 -29.94
C LYS A 388 -10.02 6.17 -30.49
N TRP A 389 -10.69 5.09 -30.86
CA TRP A 389 -12.09 5.19 -31.25
C TRP A 389 -12.94 5.77 -30.12
N PHE A 390 -12.76 5.27 -28.89
CA PHE A 390 -13.58 5.73 -27.77
C PHE A 390 -13.40 7.23 -27.55
N LEU A 391 -12.15 7.70 -27.60
CA LEU A 391 -11.88 9.13 -27.43
C LEU A 391 -12.50 9.95 -28.57
N GLU A 392 -12.36 9.49 -29.80
CA GLU A 392 -12.83 10.31 -30.92
C GLU A 392 -14.36 10.28 -31.06
N THR A 393 -15.01 9.19 -30.67
CA THR A 393 -16.44 9.01 -30.93
C THR A 393 -17.31 9.20 -29.68
N VAL A 394 -16.91 8.63 -28.55
CA VAL A 394 -17.71 8.74 -27.34
C VAL A 394 -17.39 10.02 -26.58
N TYR A 395 -16.11 10.40 -26.51
CA TYR A 395 -15.69 11.47 -25.60
C TYR A 395 -14.76 12.49 -26.28
N PRO A 396 -15.17 13.04 -27.44
CA PRO A 396 -14.28 13.94 -28.18
C PRO A 396 -14.00 15.27 -27.50
N GLU A 397 -14.80 15.72 -26.55
CA GLU A 397 -14.52 16.98 -25.86
CA GLU A 397 -14.50 16.98 -25.88
C GLU A 397 -13.44 16.83 -24.79
N LEU A 398 -12.96 15.62 -24.51
CA LEU A 398 -11.83 15.43 -23.60
C LEU A 398 -10.54 15.79 -24.33
N HIS A 399 -9.76 16.71 -23.77
CA HIS A 399 -8.48 17.04 -24.39
C HIS A 399 -7.50 15.90 -24.17
N VAL A 400 -6.80 15.51 -25.24
CA VAL A 400 -5.84 14.42 -25.25
C VAL A 400 -4.45 15.01 -25.33
N PRO A 401 -3.65 14.95 -24.25
CA PRO A 401 -2.29 15.49 -24.31
C PRO A 401 -1.40 14.73 -25.29
N GLU A 402 -0.35 15.40 -25.76
CA GLU A 402 0.62 14.76 -26.65
C GLU A 402 1.77 14.09 -25.89
N ASP A 403 2.27 14.74 -24.84
CA ASP A 403 3.43 14.30 -24.07
C ASP A 403 4.56 13.86 -25.01
N ARG A 404 5.04 14.81 -25.81
CA ARG A 404 6.11 14.51 -26.74
C ARG A 404 7.41 14.26 -25.98
N PRO A 405 8.23 13.31 -26.42
CA PRO A 405 9.51 13.05 -25.75
C PRO A 405 10.34 14.32 -25.58
N GLY A 406 10.79 14.53 -24.34
CA GLY A 406 11.59 15.68 -23.99
C GLY A 406 10.80 16.93 -23.70
N PHE A 407 9.47 16.90 -23.80
CA PHE A 407 8.65 18.10 -23.67
C PHE A 407 7.63 18.02 -22.54
N PHE A 408 7.83 17.14 -21.56
CA PHE A 408 6.91 17.08 -20.45
C PHE A 408 7.65 16.63 -19.21
N GLY A 409 7.04 16.90 -18.05
CA GLY A 409 7.65 16.59 -16.79
C GLY A 409 7.89 17.86 -15.98
N MET A 410 8.98 17.85 -15.22
CA MET A 410 9.37 19.06 -14.53
C MET A 410 10.19 19.94 -15.48
N LEU A 411 9.96 21.26 -15.39
CA LEU A 411 10.59 22.22 -16.28
C LEU A 411 11.69 22.91 -15.47
N GLN A 412 12.91 22.41 -15.61
CA GLN A 412 14.04 22.71 -14.76
C GLN A 412 14.95 23.74 -15.40
N ASN A 413 15.61 24.53 -14.54
CA ASN A 413 16.50 25.60 -14.99
C ASN A 413 17.92 25.09 -15.03
N LYS A 414 18.65 25.50 -16.06
CA LYS A 414 20.04 25.07 -16.19
C LYS A 414 20.96 25.83 -15.24
N GLY A 415 20.76 27.15 -15.13
CA GLY A 415 21.64 27.99 -14.33
C GLY A 415 21.36 27.85 -12.85
N LEU A 416 20.09 27.89 -12.49
CA LEU A 416 19.65 27.78 -11.10
C LEU A 416 19.40 26.30 -10.85
N THR A 417 20.45 25.61 -10.42
CA THR A 417 20.45 24.16 -10.39
C THR A 417 19.37 23.63 -9.44
N ASP A 418 18.64 22.63 -9.91
CA ASP A 418 17.64 21.89 -9.13
C ASP A 418 16.39 22.70 -8.83
N TYR A 419 16.10 23.74 -9.61
CA TYR A 419 14.86 24.49 -9.48
C TYR A 419 14.00 24.28 -10.74
N CYS A 420 12.70 24.16 -10.55
CA CYS A 420 11.81 23.95 -11.69
CA CYS A 420 11.79 23.92 -11.67
C CYS A 420 10.52 24.73 -11.50
N PHE A 421 9.81 24.92 -12.62
CA PHE A 421 8.50 25.56 -12.61
C PHE A 421 7.60 24.91 -11.56
N ASP A 422 6.89 25.75 -10.81
CA ASP A 422 6.00 25.27 -9.77
C ASP A 422 4.77 26.16 -9.72
N TYR A 423 3.59 25.55 -9.82
CA TYR A 423 2.32 26.28 -9.73
C TYR A 423 1.40 25.58 -8.75
N ASN A 424 0.98 26.30 -7.71
CA ASN A 424 0.04 25.78 -6.71
C ASN A 424 -1.12 26.76 -6.54
N PRO A 425 -2.25 26.51 -7.18
CA PRO A 425 -3.41 27.41 -7.02
C PRO A 425 -3.94 27.35 -5.60
N PRO A 426 -4.63 28.41 -5.15
CA PRO A 426 -5.25 28.35 -3.81
C PRO A 426 -6.32 27.27 -3.71
N ASP A 427 -7.30 27.28 -4.61
CA ASP A 427 -8.31 26.23 -4.70
C ASP A 427 -7.97 25.33 -5.88
N GLU A 428 -8.03 24.01 -5.66
CA GLU A 428 -7.76 23.08 -6.74
C GLU A 428 -8.76 23.21 -7.89
N ASN A 429 -9.94 23.79 -7.62
CA ASN A 429 -10.92 23.97 -8.69
C ASN A 429 -10.65 25.24 -9.48
N GLN A 430 -10.38 26.35 -8.80
CA GLN A 430 -10.11 27.62 -9.46
C GLN A 430 -8.60 27.81 -9.56
N ILE A 431 -8.04 27.54 -10.75
CA ILE A 431 -6.60 27.62 -10.94
C ILE A 431 -6.17 28.92 -11.61
N VAL A 432 -7.10 29.74 -12.07
CA VAL A 432 -6.75 30.90 -12.90
C VAL A 432 -6.29 32.05 -12.02
N GLY A 433 -5.24 32.73 -12.45
CA GLY A 433 -4.90 34.03 -11.94
C GLY A 433 -3.86 34.09 -10.85
N HIS A 434 -2.94 33.13 -10.79
CA HIS A 434 -1.86 33.19 -9.83
C HIS A 434 -0.52 32.99 -10.53
N GLN A 435 0.54 33.43 -9.86
CA GLN A 435 1.87 33.45 -10.46
C GLN A 435 2.52 32.08 -10.39
N VAL A 436 3.11 31.67 -11.51
CA VAL A 436 4.00 30.51 -11.55
C VAL A 436 5.33 30.90 -10.93
N ILE A 437 5.87 30.05 -10.06
CA ILE A 437 7.12 30.35 -9.39
C ILE A 437 8.15 29.26 -9.69
N LEU A 438 9.30 29.33 -9.05
CA LEU A 438 10.29 28.27 -9.12
C LEU A 438 10.40 27.64 -7.75
N TYR A 439 10.78 26.37 -7.72
CA TYR A 439 10.77 25.61 -6.48
C TYR A 439 11.72 24.44 -6.65
N LEU A 440 12.37 24.03 -5.56
CA LEU A 440 13.23 22.86 -5.61
C LEU A 440 12.47 21.68 -6.19
N CYS A 441 13.09 21.01 -7.15
CA CYS A 441 12.44 19.90 -7.82
C CYS A 441 12.24 18.75 -6.83
N HIS A 442 11.04 18.17 -6.82
CA HIS A 442 10.76 17.03 -5.96
C HIS A 442 10.32 15.78 -6.70
N GLY A 443 9.99 15.87 -7.99
CA GLY A 443 9.69 14.69 -8.76
C GLY A 443 8.33 14.07 -8.52
N MET A 444 7.49 14.69 -7.67
CA MET A 444 6.16 14.15 -7.40
C MET A 444 5.08 14.66 -8.36
N GLY A 445 5.41 15.50 -9.33
CA GLY A 445 4.40 15.89 -10.30
C GLY A 445 3.39 16.89 -9.74
N GLN A 446 2.15 16.78 -10.25
CA GLN A 446 1.09 17.73 -9.91
C GLN A 446 1.56 19.18 -10.10
N ASN A 447 1.97 19.83 -8.99
CA ASN A 447 2.36 21.24 -9.03
C ASN A 447 3.63 21.49 -9.84
N GLN A 448 4.41 20.45 -10.14
CA GLN A 448 5.60 20.62 -10.95
C GLN A 448 5.52 19.85 -12.25
N PHE A 449 4.31 19.46 -12.67
CA PHE A 449 4.14 18.75 -13.94
C PHE A 449 3.63 19.73 -14.99
N PHE A 450 4.36 19.83 -16.09
CA PHE A 450 4.02 20.72 -17.19
C PHE A 450 4.26 19.98 -18.50
N GLU A 451 3.59 20.46 -19.54
CA GLU A 451 3.71 19.88 -20.87
C GLU A 451 3.86 21.02 -21.86
N TYR A 452 4.93 21.01 -22.65
CA TYR A 452 5.11 21.96 -23.74
C TYR A 452 4.55 21.37 -25.04
N THR A 453 3.59 22.05 -25.64
CA THR A 453 2.81 21.44 -26.72
C THR A 453 3.23 21.94 -28.10
N SER A 454 2.70 21.26 -29.13
CA SER A 454 2.93 21.66 -30.50
C SER A 454 2.28 23.00 -30.83
N GLN A 455 1.32 23.46 -30.03
CA GLN A 455 0.76 24.79 -30.22
C GLN A 455 1.48 25.86 -29.40
N LYS A 456 2.70 25.56 -28.94
CA LYS A 456 3.61 26.49 -28.25
C LYS A 456 3.12 26.91 -26.87
N GLU A 457 2.21 26.16 -26.25
CA GLU A 457 1.74 26.54 -24.93
C GLU A 457 2.43 25.68 -23.87
N ILE A 458 2.60 26.26 -22.69
CA ILE A 458 3.11 25.53 -21.53
C ILE A 458 1.88 25.15 -20.71
N ARG A 459 1.50 23.87 -20.80
CA ARG A 459 0.25 23.39 -20.21
C ARG A 459 0.48 22.82 -18.82
N TYR A 460 -0.51 23.05 -17.95
CA TYR A 460 -0.53 22.60 -16.58
C TYR A 460 -1.73 21.68 -16.51
N ASN A 461 -1.52 20.39 -16.78
CA ASN A 461 -2.65 19.54 -17.12
C ASN A 461 -2.51 18.16 -16.48
N THR A 462 -2.07 18.09 -15.22
CA THR A 462 -2.28 16.85 -14.48
C THR A 462 -3.76 16.55 -14.36
N HIS A 463 -4.58 17.56 -14.06
CA HIS A 463 -6.02 17.42 -14.03
C HIS A 463 -6.66 18.47 -14.93
N GLN A 464 -7.99 18.45 -15.00
CA GLN A 464 -8.76 19.34 -15.86
C GLN A 464 -9.36 20.45 -14.99
N PRO A 465 -9.65 21.63 -15.58
CA PRO A 465 -9.38 22.05 -16.96
C PRO A 465 -7.90 22.29 -17.13
N GLU A 466 -7.40 22.15 -18.36
CA GLU A 466 -5.98 22.39 -18.59
C GLU A 466 -5.67 23.86 -18.40
N GLY A 467 -4.64 24.15 -17.62
CA GLY A 467 -4.11 25.48 -17.53
C GLY A 467 -3.01 25.70 -18.56
N CYS A 468 -2.92 26.93 -19.05
CA CYS A 468 -1.87 27.38 -19.96
C CYS A 468 -1.20 28.62 -19.38
N ILE A 469 0.13 28.66 -19.39
CA ILE A 469 0.85 29.84 -18.90
C ILE A 469 0.64 31.00 -19.85
N ALA A 470 0.45 32.20 -19.28
CA ALA A 470 0.31 33.43 -20.05
C ALA A 470 1.08 34.56 -19.38
N VAL A 471 1.27 35.65 -20.12
CA VAL A 471 1.83 36.88 -19.56
C VAL A 471 0.89 38.02 -19.92
N GLU A 472 0.31 38.65 -18.92
CA GLU A 472 -0.65 39.72 -19.17
C GLU A 472 0.06 40.97 -19.70
N ALA A 473 -0.73 41.82 -20.37
CA ALA A 473 -0.19 42.95 -21.11
C ALA A 473 0.74 43.81 -20.26
N GLY A 474 1.99 43.93 -20.71
CA GLY A 474 2.95 44.83 -20.09
C GLY A 474 3.57 44.36 -18.80
N MET A 475 3.39 43.10 -18.43
CA MET A 475 3.94 42.52 -17.20
C MET A 475 5.08 41.57 -17.52
N ASP A 476 5.85 41.22 -16.49
CA ASP A 476 6.97 40.30 -16.66
C ASP A 476 6.77 38.97 -15.94
N THR A 477 5.67 38.81 -15.21
CA THR A 477 5.40 37.60 -14.46
C THR A 477 4.61 36.60 -15.30
N LEU A 478 4.74 35.32 -14.93
CA LEU A 478 4.03 34.23 -15.60
C LEU A 478 2.80 33.89 -14.76
N ILE A 479 1.63 33.95 -15.40
CA ILE A 479 0.34 33.82 -14.74
C ILE A 479 -0.39 32.64 -15.35
N MET A 480 -1.19 31.95 -14.53
CA MET A 480 -1.93 30.77 -14.96
C MET A 480 -3.27 31.18 -15.58
N HIS A 481 -3.44 30.88 -16.86
CA HIS A 481 -4.71 31.02 -17.54
C HIS A 481 -5.28 29.65 -17.86
N LEU A 482 -6.47 29.63 -18.46
CA LEU A 482 -7.05 28.41 -19.00
C LEU A 482 -6.65 28.26 -20.46
N CYS A 483 -6.42 27.02 -20.89
CA CYS A 483 -6.16 26.76 -22.29
C CYS A 483 -7.45 26.92 -23.07
N GLU A 484 -7.33 27.43 -24.30
CA GLU A 484 -8.47 27.69 -25.15
C GLU A 484 -8.32 26.94 -26.47
N GLU A 485 -9.36 27.01 -27.30
CA GLU A 485 -9.35 26.26 -28.57
C GLU A 485 -8.24 26.74 -29.49
N THR A 486 -8.14 28.05 -29.68
CA THR A 486 -7.06 28.69 -30.42
C THR A 486 -6.18 29.41 -29.41
N ALA A 487 -4.91 29.03 -29.35
CA ALA A 487 -4.00 29.61 -28.36
C ALA A 487 -3.96 31.13 -28.49
N PRO A 488 -4.30 31.88 -27.45
CA PRO A 488 -4.14 33.33 -27.50
C PRO A 488 -2.67 33.72 -27.53
N GLU A 489 -2.42 34.96 -27.98
CA GLU A 489 -1.07 35.40 -28.30
C GLU A 489 -0.17 35.43 -27.08
N ASN A 490 -0.73 35.79 -25.93
CA ASN A 490 0.06 35.91 -24.71
C ASN A 490 0.37 34.57 -24.05
N GLN A 491 -0.03 33.45 -24.65
CA GLN A 491 0.30 32.11 -24.15
C GLN A 491 1.36 31.41 -24.98
N LYS A 492 1.84 32.01 -26.05
CA LYS A 492 2.73 31.32 -26.98
C LYS A 492 4.18 31.47 -26.56
N PHE A 493 4.84 30.35 -26.26
CA PHE A 493 6.26 30.32 -25.99
C PHE A 493 6.96 29.49 -27.05
N ILE A 494 8.20 29.89 -27.35
CA ILE A 494 9.08 29.14 -28.24
C ILE A 494 10.20 28.57 -27.39
N LEU A 495 10.25 27.24 -27.31
CA LEU A 495 11.30 26.53 -26.57
C LEU A 495 12.34 26.06 -27.58
N GLN A 496 13.48 26.74 -27.62
CA GLN A 496 14.53 26.46 -28.58
C GLN A 496 15.45 25.33 -28.10
N GLU A 497 16.29 24.86 -29.03
CA GLU A 497 17.13 23.69 -28.75
CA GLU A 497 17.15 23.70 -28.76
C GLU A 497 18.04 23.95 -27.55
N ASP A 498 18.69 25.11 -27.52
CA ASP A 498 19.64 25.45 -26.48
C ASP A 498 19.01 25.63 -25.11
N GLY A 499 17.68 25.71 -25.03
CA GLY A 499 16.97 25.87 -23.78
C GLY A 499 16.29 27.21 -23.58
N SER A 500 16.44 28.16 -24.50
CA SER A 500 15.83 29.47 -24.33
C SER A 500 14.31 29.35 -24.40
N LEU A 501 13.63 30.06 -23.50
CA LEU A 501 12.17 30.08 -23.42
C LEU A 501 11.70 31.48 -23.80
N PHE A 502 11.24 31.64 -25.03
CA PHE A 502 11.01 32.95 -25.65
C PHE A 502 9.51 33.20 -25.71
N HIS A 503 9.07 34.29 -25.08
CA HIS A 503 7.67 34.71 -25.12
C HIS A 503 7.43 35.55 -26.37
N GLU A 504 6.55 35.07 -27.26
CA GLU A 504 6.47 35.65 -28.61
C GLU A 504 5.93 37.08 -28.58
N GLN A 505 4.92 37.33 -27.74
CA GLN A 505 4.27 38.62 -27.74
C GLN A 505 5.15 39.69 -27.10
N SER A 506 5.85 39.34 -26.02
CA SER A 506 6.78 40.26 -25.39
C SER A 506 8.09 40.40 -26.13
N LYS A 507 8.46 39.40 -26.94
CA LYS A 507 9.79 39.30 -27.54
C LYS A 507 10.87 39.18 -26.47
N LYS A 508 10.53 38.59 -25.32
CA LYS A 508 11.45 38.43 -24.19
C LYS A 508 11.60 36.96 -23.85
N CYS A 509 12.63 36.68 -23.04
CA CYS A 509 12.98 35.34 -22.63
C CYS A 509 12.66 35.12 -21.15
N VAL A 510 12.33 33.88 -20.80
CA VAL A 510 12.01 33.54 -19.42
C VAL A 510 13.30 33.24 -18.67
N GLN A 511 13.48 33.92 -17.53
CA GLN A 511 14.70 33.86 -16.76
C GLN A 511 14.41 33.50 -15.31
N ALA A 512 15.17 32.54 -14.78
CA ALA A 512 15.15 32.23 -13.35
C ALA A 512 15.68 33.42 -12.57
N ALA A 513 14.83 34.00 -11.72
CA ALA A 513 15.13 35.24 -11.04
C ALA A 513 14.84 35.11 -9.54
N ARG A 514 15.42 36.04 -8.78
CA ARG A 514 15.31 36.12 -7.34
C ARG A 514 13.98 36.71 -6.87
N SER A 520 12.99 34.15 -2.40
CA SER A 520 12.49 33.03 -3.20
C SER A 520 12.81 33.25 -4.69
N PHE A 521 12.33 32.34 -5.54
CA PHE A 521 12.67 32.36 -6.97
C PHE A 521 11.43 32.29 -7.83
N VAL A 522 11.43 33.07 -8.91
CA VAL A 522 10.32 33.09 -9.86
C VAL A 522 10.88 33.16 -11.28
N PRO A 523 10.10 32.69 -12.26
CA PRO A 523 10.48 32.94 -13.66
C PRO A 523 9.96 34.28 -14.14
N LEU A 524 10.83 35.13 -14.68
CA LEU A 524 10.42 36.46 -15.13
C LEU A 524 10.90 36.71 -16.55
N LEU A 525 10.15 37.52 -17.27
CA LEU A 525 10.59 37.96 -18.59
C LEU A 525 11.75 38.93 -18.47
N ARG A 526 12.78 38.70 -19.27
CA ARG A 526 13.96 39.57 -19.35
C ARG A 526 14.42 39.60 -20.79
N ASP A 527 15.28 40.56 -21.12
CA ASP A 527 15.85 40.60 -22.46
C ASP A 527 16.72 39.38 -22.69
N CYS A 528 16.71 38.87 -23.92
CA CYS A 528 17.38 37.60 -24.17
C CYS A 528 18.89 37.76 -24.13
N THR A 529 19.53 36.88 -23.36
CA THR A 529 20.98 36.82 -23.23
C THR A 529 21.42 35.37 -23.37
N ASN A 530 22.72 35.16 -23.24
CA ASN A 530 23.28 33.81 -23.28
C ASN A 530 23.41 33.22 -21.88
N SER A 531 22.65 33.73 -20.92
CA SER A 531 22.75 33.27 -19.54
C SER A 531 22.10 31.90 -19.37
N ASP A 532 22.72 31.05 -18.53
CA ASP A 532 22.10 29.77 -18.23
C ASP A 532 20.82 29.94 -17.40
N HIS A 533 20.65 31.06 -16.71
CA HIS A 533 19.41 31.30 -16.00
C HIS A 533 18.24 31.52 -16.95
N GLN A 534 18.50 31.64 -18.25
CA GLN A 534 17.45 31.64 -19.27
C GLN A 534 17.35 30.32 -20.03
N LYS A 535 18.04 29.27 -19.57
CA LYS A 535 18.04 27.97 -20.23
C LYS A 535 17.20 27.00 -19.42
N TRP A 536 16.29 26.29 -20.10
CA TRP A 536 15.34 25.39 -19.46
C TRP A 536 15.35 24.04 -20.15
N PHE A 537 14.91 23.00 -19.43
CA PHE A 537 14.82 21.66 -20.00
C PHE A 537 13.82 20.84 -19.21
N PHE A 538 13.24 19.84 -19.86
CA PHE A 538 12.29 18.96 -19.19
C PHE A 538 12.98 17.72 -18.67
N LYS A 539 12.58 17.29 -17.49
CA LYS A 539 13.02 16.03 -16.89
C LYS A 539 11.79 15.26 -16.45
N GLU A 540 11.67 14.01 -16.90
CA GLU A 540 10.58 13.16 -16.40
C GLU A 540 10.78 12.80 -14.92
N ARG A 541 11.97 12.32 -14.57
CA ARG A 541 12.32 11.83 -13.24
C ARG A 541 13.50 12.63 -12.69
N MET A 542 13.69 12.59 -11.37
CA MET A 542 14.81 13.33 -10.80
C MET A 542 16.14 12.62 -10.98
N LEU A 543 16.17 11.31 -10.83
CA LEU A 543 17.41 10.57 -11.03
C LEU A 543 17.32 9.67 -12.25
N PRO B 12 21.14 11.35 -40.47
CA PRO B 12 21.72 11.01 -39.16
C PRO B 12 22.89 11.92 -38.77
N GLY B 13 22.79 12.53 -37.59
CA GLY B 13 23.74 13.51 -37.13
C GLY B 13 24.89 12.88 -36.38
N PRO B 14 25.86 13.69 -35.96
CA PRO B 14 27.08 13.16 -35.36
C PRO B 14 26.87 12.74 -33.92
N PRO B 15 27.52 11.64 -33.50
CA PRO B 15 27.43 11.21 -32.09
C PRO B 15 27.90 12.28 -31.13
N ARG B 16 27.25 12.36 -29.98
CA ARG B 16 27.60 13.35 -28.99
C ARG B 16 28.73 12.87 -28.09
N THR B 17 29.43 13.81 -27.48
CA THR B 17 30.45 13.46 -26.52
C THR B 17 29.78 12.95 -25.25
N PRO B 18 30.12 11.75 -24.78
CA PRO B 18 29.45 11.21 -23.60
C PRO B 18 29.87 11.95 -22.34
N ARG B 19 29.16 11.68 -21.26
CA ARG B 19 29.50 12.25 -19.97
C ARG B 19 30.87 11.73 -19.52
N PRO B 20 31.78 12.61 -19.11
CA PRO B 20 33.14 12.17 -18.77
C PRO B 20 33.25 11.55 -17.38
N GLY B 21 34.16 10.60 -17.27
CA GLY B 21 34.43 9.84 -16.06
C GLY B 21 34.88 8.44 -16.47
N ARG B 22 35.67 7.82 -15.60
CA ARG B 22 36.12 6.45 -15.85
C ARG B 22 35.11 5.48 -15.26
N ARG B 23 34.79 4.43 -16.02
CA ARG B 23 33.93 3.37 -15.50
CA ARG B 23 33.93 3.38 -15.49
C ARG B 23 34.69 2.39 -14.62
N GLU B 24 36.02 2.39 -14.68
CA GLU B 24 36.85 1.56 -13.83
C GLU B 24 36.83 2.04 -12.37
N PRO B 25 37.21 1.18 -11.42
CA PRO B 25 37.07 1.55 -10.01
C PRO B 25 37.92 2.77 -9.65
N VAL B 26 37.55 3.40 -8.52
CA VAL B 26 38.29 4.58 -8.06
C VAL B 26 39.78 4.27 -7.93
N MET B 27 40.12 3.12 -7.36
CA MET B 27 41.51 2.74 -7.18
C MET B 27 41.76 1.36 -7.75
N PRO B 28 42.91 1.14 -8.38
CA PRO B 28 43.28 -0.21 -8.78
C PRO B 28 43.77 -1.02 -7.59
N ARG B 29 43.63 -2.34 -7.71
CA ARG B 29 44.10 -3.21 -6.64
C ARG B 29 45.60 -3.43 -6.80
N PRO B 30 46.39 -3.28 -5.74
CA PRO B 30 47.83 -3.55 -5.82
C PRO B 30 48.08 -5.01 -6.16
N PRO B 31 49.29 -5.35 -6.61
CA PRO B 31 49.59 -6.76 -6.89
C PRO B 31 49.43 -7.63 -5.64
N VAL B 32 48.76 -8.75 -5.79
CA VAL B 32 48.59 -9.70 -4.69
C VAL B 32 49.55 -10.87 -4.94
N PRO B 33 50.18 -11.42 -3.91
CA PRO B 33 50.81 -12.73 -4.07
C PRO B 33 49.75 -13.77 -4.37
N ALA B 34 50.01 -14.62 -5.37
CA ALA B 34 49.00 -15.57 -5.85
C ALA B 34 48.58 -16.55 -4.75
N ASN B 35 49.50 -16.93 -3.88
CA ASN B 35 49.24 -17.89 -2.81
C ASN B 35 48.99 -17.20 -1.46
N ALA B 36 48.66 -15.90 -1.48
CA ALA B 36 48.44 -15.17 -0.24
C ALA B 36 47.25 -15.74 0.51
N LEU B 37 47.28 -15.61 1.84
CA LEU B 37 46.23 -16.18 2.67
C LEU B 37 44.86 -15.59 2.34
N GLY B 38 43.89 -16.47 2.13
CA GLY B 38 42.52 -16.05 1.93
C GLY B 38 42.25 -15.36 0.62
N ALA B 39 43.15 -15.49 -0.35
CA ALA B 39 43.13 -14.63 -1.53
C ALA B 39 41.85 -14.83 -2.34
N ARG B 40 41.42 -16.07 -2.52
CA ARG B 40 40.26 -16.42 -3.32
C ARG B 40 38.99 -16.56 -2.48
N GLY B 41 38.97 -16.02 -1.27
CA GLY B 41 37.83 -16.15 -0.39
C GLY B 41 37.67 -17.51 0.27
N GLU B 42 38.69 -18.35 0.22
CA GLU B 42 38.60 -19.66 0.81
C GLU B 42 38.84 -19.58 2.32
N ALA B 43 38.31 -20.57 3.03
CA ALA B 43 38.52 -20.65 4.48
C ALA B 43 40.00 -20.77 4.81
N VAL B 44 40.44 -19.99 5.79
CA VAL B 44 41.80 -20.07 6.31
C VAL B 44 41.72 -20.53 7.75
N ARG B 45 42.45 -21.60 8.08
CA ARG B 45 42.54 -22.08 9.45
C ARG B 45 44.02 -22.28 9.76
N LEU B 46 44.62 -21.31 10.43
CA LEU B 46 46.03 -21.33 10.74
C LEU B 46 46.34 -22.42 11.77
N GLN B 47 47.56 -22.94 11.73
CA GLN B 47 48.00 -24.02 12.60
C GLN B 47 48.93 -23.44 13.67
N LEU B 48 48.36 -22.76 14.65
CA LEU B 48 49.14 -22.10 15.68
C LEU B 48 49.45 -23.03 16.85
N GLN B 49 50.50 -22.66 17.58
CA GLN B 49 50.89 -23.27 18.83
C GLN B 49 51.11 -22.18 19.86
N GLY B 50 51.04 -22.55 21.14
CA GLY B 50 51.51 -21.68 22.19
C GLY B 50 51.00 -20.27 22.17
N GLU B 51 51.95 -19.32 22.14
CA GLU B 51 51.62 -17.91 22.26
C GLU B 51 50.79 -17.42 21.09
N GLU B 52 51.01 -17.95 19.88
CA GLU B 52 50.24 -17.48 18.74
C GLU B 52 48.80 -17.97 18.81
N LEU B 53 48.60 -19.23 19.20
CA LEU B 53 47.25 -19.70 19.48
C LEU B 53 46.58 -18.85 20.54
N ARG B 54 47.34 -18.47 21.58
CA ARG B 54 46.77 -17.64 22.64
C ARG B 54 46.37 -16.27 22.13
N LEU B 55 47.18 -15.65 21.27
CA LEU B 55 46.80 -14.35 20.70
C LEU B 55 45.59 -14.46 19.79
N GLN B 56 45.46 -15.56 19.04
CA GLN B 56 44.26 -15.71 18.22
C GLN B 56 43.01 -15.85 19.09
N GLU B 57 43.09 -16.67 20.13
CA GLU B 57 41.95 -16.83 21.04
C GLU B 57 41.59 -15.50 21.67
N GLU B 58 42.59 -14.75 22.14
CA GLU B 58 42.31 -13.46 22.77
C GLU B 58 41.70 -12.47 21.78
N SER B 59 42.11 -12.52 20.50
CA SER B 59 41.51 -11.59 19.55
C SER B 59 40.04 -11.93 19.31
N VAL B 60 39.69 -13.22 19.34
CA VAL B 60 38.28 -13.57 19.22
C VAL B 60 37.51 -13.13 20.47
N ARG B 61 38.08 -13.36 21.65
CA ARG B 61 37.42 -12.94 22.90
C ARG B 61 37.22 -11.43 22.97
N LEU B 62 38.11 -10.64 22.37
CA LEU B 62 38.00 -9.19 22.45
C LEU B 62 37.21 -8.56 21.31
N HIS B 63 37.10 -9.20 20.15
CA HIS B 63 36.35 -8.63 19.04
C HIS B 63 35.14 -9.43 18.59
N GLN B 64 34.98 -10.68 19.06
CA GLN B 64 33.98 -11.63 18.53
C GLN B 64 34.22 -11.94 17.05
N ILE B 65 35.42 -11.62 16.57
CA ILE B 65 35.88 -11.92 15.22
C ILE B 65 37.35 -12.34 15.32
N ASN B 66 37.78 -13.28 14.49
CA ASN B 66 39.20 -13.68 14.46
C ASN B 66 40.03 -12.59 13.78
N ILE B 67 40.31 -11.53 14.54
CA ILE B 67 41.12 -10.42 14.05
C ILE B 67 42.59 -10.81 13.93
N TYR B 68 43.03 -11.82 14.67
CA TYR B 68 44.36 -12.38 14.45
C TYR B 68 44.53 -12.82 12.99
N LEU B 69 43.54 -13.54 12.46
CA LEU B 69 43.58 -13.94 11.07
C LEU B 69 43.36 -12.76 10.13
N SER B 70 42.39 -11.89 10.45
CA SER B 70 42.09 -10.75 9.59
C SER B 70 43.32 -9.88 9.37
N ASP B 71 44.16 -9.75 10.38
CA ASP B 71 45.38 -8.96 10.23
C ASP B 71 46.35 -9.57 9.22
N ARG B 72 46.19 -10.86 8.90
CA ARG B 72 47.10 -11.55 7.99
C ARG B 72 46.45 -11.79 6.62
N ILE B 73 45.27 -11.25 6.39
CA ILE B 73 44.60 -11.31 5.08
C ILE B 73 44.72 -9.94 4.44
N SER B 74 44.95 -9.91 3.13
CA SER B 74 45.14 -8.66 2.41
C SER B 74 43.96 -7.71 2.63
N LEU B 75 44.28 -6.44 2.79
CA LEU B 75 43.24 -5.41 2.82
C LEU B 75 42.66 -5.15 1.44
N HIS B 76 43.26 -5.71 0.40
CA HIS B 76 42.83 -5.47 -0.97
C HIS B 76 42.36 -6.77 -1.61
N ARG B 77 41.74 -7.63 -0.81
CA ARG B 77 41.28 -8.93 -1.28
CA ARG B 77 41.29 -8.93 -1.29
C ARG B 77 40.12 -8.81 -2.27
N ARG B 78 40.26 -9.45 -3.42
CA ARG B 78 39.18 -9.48 -4.40
C ARG B 78 38.28 -10.69 -4.14
N LEU B 79 36.96 -10.47 -4.00
CA LEU B 79 36.06 -11.60 -3.78
C LEU B 79 35.88 -12.43 -5.05
N PRO B 80 35.70 -13.75 -4.91
CA PRO B 80 35.45 -14.56 -6.10
C PRO B 80 34.11 -14.22 -6.72
N GLU B 81 33.99 -14.48 -8.02
CA GLU B 81 32.72 -14.31 -8.70
C GLU B 81 31.75 -15.38 -8.21
N ARG B 82 30.62 -14.95 -7.66
CA ARG B 82 29.64 -15.85 -7.07
C ARG B 82 28.21 -15.60 -7.51
N TRP B 83 27.94 -14.51 -8.21
CA TRP B 83 26.57 -14.15 -8.54
C TRP B 83 26.04 -15.02 -9.68
N ASN B 84 24.74 -14.91 -9.91
CA ASN B 84 24.12 -15.58 -11.03
C ASN B 84 24.75 -15.09 -12.34
N PRO B 85 25.15 -15.99 -13.23
CA PRO B 85 25.81 -15.55 -14.47
C PRO B 85 25.05 -14.50 -15.27
N LEU B 86 23.71 -14.46 -15.17
CA LEU B 86 22.95 -13.46 -15.92
C LEU B 86 23.32 -12.05 -15.52
N CYS B 87 23.81 -11.87 -14.30
CA CYS B 87 24.20 -10.53 -13.86
C CYS B 87 25.32 -9.96 -14.72
N LYS B 88 26.17 -10.81 -15.31
CA LYS B 88 27.23 -10.30 -16.18
C LYS B 88 26.69 -9.75 -17.50
N GLU B 89 25.48 -10.15 -17.88
CA GLU B 89 24.91 -9.71 -19.15
C GLU B 89 24.31 -8.31 -19.07
N LYS B 90 24.07 -7.81 -17.87
CA LYS B 90 23.43 -6.51 -17.70
C LYS B 90 24.35 -5.40 -18.21
N LYS B 91 23.77 -4.46 -18.96
CA LYS B 91 24.44 -3.25 -19.41
C LYS B 91 23.88 -2.06 -18.66
N TYR B 92 24.77 -1.22 -18.16
CA TYR B 92 24.35 -0.04 -17.41
C TYR B 92 24.72 1.21 -18.20
N ASP B 93 23.86 2.22 -18.11
CA ASP B 93 24.06 3.45 -18.86
C ASP B 93 24.79 4.44 -17.93
N TYR B 94 26.11 4.25 -17.83
CA TYR B 94 26.88 4.99 -16.82
C TYR B 94 26.71 6.50 -16.95
N ASP B 95 26.42 6.99 -18.17
CA ASP B 95 26.30 8.43 -18.38
C ASP B 95 25.09 9.05 -17.68
N ASN B 96 24.11 8.24 -17.28
CA ASN B 96 22.89 8.78 -16.70
C ASN B 96 22.64 8.28 -15.29
N LEU B 97 23.49 7.41 -14.77
CA LEU B 97 23.27 6.90 -13.42
C LEU B 97 23.58 7.99 -12.39
N PRO B 98 22.87 8.00 -11.26
CA PRO B 98 23.17 9.00 -10.21
C PRO B 98 24.46 8.66 -9.48
N ARG B 99 25.03 9.67 -8.83
CA ARG B 99 26.22 9.47 -8.02
C ARG B 99 25.83 9.22 -6.56
N THR B 100 26.61 8.38 -5.89
CA THR B 100 26.32 8.04 -4.51
C THR B 100 27.42 8.44 -3.54
N SER B 101 27.01 8.82 -2.33
CA SER B 101 27.86 8.84 -1.16
C SER B 101 27.72 7.54 -0.38
N VAL B 102 28.83 6.83 -0.21
CA VAL B 102 28.85 5.65 0.65
C VAL B 102 29.13 6.09 2.08
N ILE B 103 28.27 5.71 3.00
CA ILE B 103 28.32 6.14 4.39
C ILE B 103 28.58 4.94 5.27
N ILE B 104 29.64 5.00 6.08
CA ILE B 104 30.08 3.89 6.92
C ILE B 104 30.26 4.44 8.35
N ALA B 105 29.27 4.22 9.20
CA ALA B 105 29.42 4.53 10.61
C ALA B 105 30.18 3.40 11.28
N PHE B 106 31.08 3.74 12.19
CA PHE B 106 31.86 2.71 12.86
C PHE B 106 32.04 3.04 14.32
N TYR B 107 32.03 1.98 15.14
CA TYR B 107 32.25 2.12 16.58
C TYR B 107 33.18 1.01 17.03
N ASN B 108 34.41 1.37 17.34
CA ASN B 108 35.40 0.45 17.91
C ASN B 108 35.70 -0.76 17.01
N GLU B 109 35.54 -0.62 15.70
CA GLU B 109 35.91 -1.70 14.79
C GLU B 109 37.42 -1.92 14.81
N ALA B 110 37.84 -3.16 14.54
CA ALA B 110 39.26 -3.44 14.40
C ALA B 110 39.82 -2.76 13.15
N TRP B 111 41.16 -2.61 13.15
CA TRP B 111 41.83 -1.87 12.09
C TRP B 111 41.63 -2.54 10.72
N SER B 112 41.93 -3.85 10.64
CA SER B 112 41.97 -4.50 9.34
C SER B 112 40.59 -4.65 8.73
N THR B 113 39.55 -4.92 9.53
CA THR B 113 38.22 -5.05 8.92
C THR B 113 37.70 -3.70 8.44
N LEU B 114 37.90 -2.64 9.22
CA LEU B 114 37.45 -1.33 8.76
C LEU B 114 38.18 -0.92 7.49
N LEU B 115 39.50 -1.12 7.44
CA LEU B 115 40.26 -0.67 6.27
C LEU B 115 39.98 -1.54 5.06
N ARG B 116 39.77 -2.85 5.25
CA ARG B 116 39.36 -3.69 4.14
C ARG B 116 38.01 -3.24 3.59
N THR B 117 37.11 -2.79 4.46
CA THR B 117 35.85 -2.24 3.96
C THR B 117 36.10 -1.04 3.05
N VAL B 118 36.93 -0.09 3.51
CA VAL B 118 37.17 1.14 2.76
C VAL B 118 37.82 0.82 1.41
N TYR B 119 38.88 0.00 1.43
CA TYR B 119 39.55 -0.31 0.18
C TYR B 119 38.65 -1.12 -0.75
N SER B 120 37.79 -1.98 -0.20
CA SER B 120 36.88 -2.76 -1.04
C SER B 120 35.94 -1.83 -1.79
N VAL B 121 35.38 -0.85 -1.08
CA VAL B 121 34.52 0.12 -1.75
C VAL B 121 35.30 0.88 -2.85
N LEU B 122 36.50 1.35 -2.53
CA LEU B 122 37.24 2.15 -3.52
C LEU B 122 37.67 1.31 -4.72
N GLU B 123 37.86 0.01 -4.52
CA GLU B 123 38.43 -0.87 -5.53
C GLU B 123 37.38 -1.64 -6.32
N THR B 124 36.09 -1.52 -5.94
CA THR B 124 35.01 -2.11 -6.71
C THR B 124 34.00 -1.09 -7.25
N SER B 125 34.01 0.16 -6.77
CA SER B 125 33.00 1.14 -7.16
C SER B 125 33.49 1.95 -8.36
N PRO B 126 32.72 2.00 -9.44
CA PRO B 126 33.15 2.78 -10.62
C PRO B 126 33.34 4.24 -10.25
N ASP B 127 34.45 4.79 -10.73
CA ASP B 127 34.80 6.16 -10.38
C ASP B 127 33.69 7.13 -10.72
N ILE B 128 33.08 6.97 -11.91
CA ILE B 128 32.04 7.88 -12.37
C ILE B 128 30.78 7.86 -11.49
N LEU B 129 30.55 6.78 -10.72
CA LEU B 129 29.34 6.66 -9.90
C LEU B 129 29.56 7.02 -8.43
N LEU B 130 30.80 7.10 -7.98
CA LEU B 130 31.10 7.25 -6.57
C LEU B 130 31.48 8.69 -6.30
N GLU B 131 30.63 9.41 -5.56
CA GLU B 131 30.97 10.77 -5.14
C GLU B 131 32.02 10.74 -4.03
N GLU B 132 31.79 9.95 -2.98
CA GLU B 132 32.65 9.99 -1.80
C GLU B 132 32.33 8.78 -0.94
N VAL B 133 33.30 8.41 -0.11
CA VAL B 133 33.10 7.49 1.02
C VAL B 133 33.23 8.29 2.29
N ILE B 134 32.17 8.31 3.10
CA ILE B 134 32.13 9.07 4.35
C ILE B 134 32.17 8.08 5.51
N LEU B 135 33.24 8.11 6.27
CA LEU B 135 33.35 7.36 7.51
C LEU B 135 32.91 8.22 8.67
N VAL B 136 32.04 7.70 9.53
CA VAL B 136 31.57 8.42 10.71
C VAL B 136 32.05 7.65 11.93
N ASP B 137 32.99 8.24 12.65
CA ASP B 137 33.47 7.68 13.91
C ASP B 137 32.46 8.01 15.02
N ASP B 138 31.72 7.00 15.46
CA ASP B 138 30.72 7.20 16.52
C ASP B 138 31.40 7.16 17.89
N TYR B 139 32.37 8.06 18.08
CA TYR B 139 33.00 8.28 19.38
C TYR B 139 33.74 7.03 19.87
N SER B 140 34.46 6.38 18.97
CA SER B 140 35.26 5.21 19.32
C SER B 140 36.30 5.58 20.35
N ASP B 141 36.67 4.60 21.20
CA ASP B 141 37.72 4.83 22.18
C ASP B 141 39.01 4.09 21.87
N ARG B 142 39.03 3.20 20.88
CA ARG B 142 40.24 2.47 20.56
C ARG B 142 41.27 3.37 19.88
N GLU B 143 42.53 3.24 20.31
CA GLU B 143 43.58 4.17 19.90
C GLU B 143 43.88 4.11 18.41
N HIS B 144 43.86 2.90 17.83
CA HIS B 144 44.10 2.76 16.40
C HIS B 144 43.07 3.48 15.55
N LEU B 145 41.95 3.91 16.13
CA LEU B 145 40.94 4.61 15.36
C LEU B 145 41.06 6.11 15.44
N LYS B 146 42.08 6.62 16.13
CA LYS B 146 42.29 8.05 16.29
C LYS B 146 43.25 8.57 15.21
N GLU B 147 44.42 9.06 15.65
CA GLU B 147 45.35 9.70 14.72
C GLU B 147 45.90 8.73 13.67
N ARG B 148 46.11 7.46 14.03
CA ARG B 148 46.61 6.49 13.05
C ARG B 148 45.64 6.33 11.87
N LEU B 149 44.34 6.30 12.17
CA LEU B 149 43.36 6.17 11.09
C LEU B 149 43.35 7.40 10.19
N ALA B 150 43.29 8.59 10.78
CA ALA B 150 43.29 9.82 10.00
C ALA B 150 44.53 9.90 9.12
N ASN B 151 45.67 9.46 9.63
CA ASN B 151 46.88 9.48 8.81
C ASN B 151 46.77 8.51 7.64
N GLU B 152 46.23 7.30 7.88
CA GLU B 152 46.13 6.33 6.80
C GLU B 152 45.17 6.78 5.72
N LEU B 153 44.08 7.45 6.10
CA LEU B 153 43.08 7.89 5.16
C LEU B 153 43.38 9.25 4.53
N SER B 154 44.37 10.00 5.03
CA SER B 154 44.47 11.42 4.67
C SER B 154 44.64 11.61 3.15
N GLY B 155 45.38 10.73 2.48
CA GLY B 155 45.71 10.89 1.07
C GLY B 155 44.78 10.19 0.07
N LEU B 156 43.90 9.33 0.55
CA LEU B 156 43.03 8.57 -0.34
C LEU B 156 42.06 9.48 -1.08
N PRO B 157 41.78 9.17 -2.34
CA PRO B 157 40.76 9.93 -3.07
C PRO B 157 39.37 9.53 -2.62
N LYS B 158 38.50 10.54 -2.60
CA LYS B 158 37.07 10.35 -2.33
C LYS B 158 36.84 9.71 -0.95
N VAL B 159 37.58 10.14 0.06
CA VAL B 159 37.38 9.65 1.42
C VAL B 159 37.25 10.84 2.36
N ARG B 160 36.21 10.83 3.19
CA ARG B 160 36.07 11.81 4.27
C ARG B 160 35.89 11.06 5.58
N LEU B 161 36.49 11.58 6.64
CA LEU B 161 36.36 11.02 7.98
C LEU B 161 35.78 12.10 8.87
N ILE B 162 34.63 11.83 9.44
CA ILE B 162 33.89 12.74 10.30
C ILE B 162 33.78 12.09 11.67
N ARG B 163 33.93 12.86 12.73
CA ARG B 163 33.96 12.29 14.08
C ARG B 163 32.80 12.86 14.89
N ALA B 164 32.03 11.98 15.51
CA ALA B 164 31.02 12.45 16.42
C ALA B 164 31.70 13.07 17.65
N ASN B 165 30.98 14.00 18.28
CA ASN B 165 31.44 14.66 19.51
C ASN B 165 31.06 13.90 20.77
N LYS B 166 30.14 12.95 20.65
CA LYS B 166 29.74 12.11 21.77
C LYS B 166 29.21 10.82 21.18
N ARG B 167 28.98 9.83 22.04
CA ARG B 167 28.41 8.58 21.53
C ARG B 167 27.01 8.86 20.97
N GLU B 168 26.81 8.55 19.70
CA GLU B 168 25.54 8.84 19.06
C GLU B 168 24.65 7.62 18.88
N GLY B 169 25.23 6.42 18.73
CA GLY B 169 24.48 5.28 18.25
C GLY B 169 24.44 5.24 16.74
N LEU B 170 24.16 4.06 16.18
CA LEU B 170 24.26 3.86 14.74
C LEU B 170 23.27 4.74 13.97
N VAL B 171 22.07 4.94 14.51
CA VAL B 171 21.10 5.80 13.82
C VAL B 171 21.64 7.22 13.70
N ARG B 172 21.96 7.84 14.82
CA ARG B 172 22.35 9.23 14.75
C ARG B 172 23.73 9.39 14.08
N ALA B 173 24.62 8.39 14.21
CA ALA B 173 25.88 8.46 13.47
C ALA B 173 25.66 8.39 11.96
N ARG B 174 24.76 7.49 11.53
CA ARG B 174 24.38 7.44 10.11
C ARG B 174 23.79 8.76 9.65
N LEU B 175 22.99 9.41 10.50
CA LEU B 175 22.45 10.71 10.12
C LEU B 175 23.53 11.78 10.03
N LEU B 176 24.59 11.70 10.85
CA LEU B 176 25.72 12.60 10.65
C LEU B 176 26.28 12.45 9.25
N GLY B 177 26.47 11.20 8.82
CA GLY B 177 26.96 10.98 7.47
C GLY B 177 26.01 11.51 6.43
N ALA B 178 24.72 11.21 6.57
CA ALA B 178 23.71 11.64 5.60
C ALA B 178 23.64 13.16 5.50
N SER B 179 23.82 13.85 6.62
CA SER B 179 23.85 15.31 6.62
C SER B 179 25.04 15.83 5.86
N ALA B 180 26.17 15.12 5.94
CA ALA B 180 27.35 15.61 5.24
C ALA B 180 27.42 15.20 3.78
N ALA B 181 26.50 14.37 3.29
CA ALA B 181 26.65 13.72 2.00
C ALA B 181 26.37 14.67 0.83
N ARG B 182 27.17 14.58 -0.20
CA ARG B 182 27.00 15.42 -1.37
CA ARG B 182 27.04 15.41 -1.39
C ARG B 182 26.44 14.68 -2.57
N GLY B 183 26.39 13.35 -2.54
CA GLY B 183 25.83 12.59 -3.64
C GLY B 183 24.30 12.67 -3.72
N ASP B 184 23.77 12.17 -4.84
CA ASP B 184 22.32 12.08 -5.02
C ASP B 184 21.72 10.92 -4.27
N VAL B 185 22.51 9.86 -4.07
CA VAL B 185 22.06 8.61 -3.49
C VAL B 185 22.95 8.32 -2.29
N LEU B 186 22.34 7.95 -1.18
CA LEU B 186 23.07 7.48 -0.01
C LEU B 186 23.13 5.96 -0.06
N THR B 187 24.33 5.41 0.05
CA THR B 187 24.51 3.98 0.18
C THR B 187 25.14 3.70 1.53
N PHE B 188 24.41 3.03 2.41
CA PHE B 188 24.90 2.70 3.75
C PHE B 188 25.48 1.30 3.76
N LEU B 189 26.69 1.17 4.34
CA LEU B 189 27.36 -0.10 4.59
C LEU B 189 27.84 -0.15 6.05
N ASP B 190 28.01 -1.37 6.57
CA ASP B 190 28.68 -1.57 7.87
C ASP B 190 30.20 -1.51 7.66
N CYS B 191 30.94 -1.38 8.78
CA CYS B 191 32.38 -1.24 8.68
C CYS B 191 33.12 -2.59 8.64
N HIS B 192 32.44 -3.69 8.35
CA HIS B 192 33.10 -4.98 8.22
C HIS B 192 32.44 -5.73 7.07
N CYS B 193 32.48 -5.09 5.90
CA CYS B 193 31.90 -5.57 4.67
C CYS B 193 32.97 -5.70 3.61
N GLU B 194 32.70 -6.55 2.63
CA GLU B 194 33.56 -6.69 1.46
C GLU B 194 32.64 -6.75 0.26
N CYS B 195 32.95 -6.00 -0.79
CA CYS B 195 32.04 -5.88 -1.93
C CYS B 195 32.40 -6.89 -3.00
N HIS B 196 31.39 -7.61 -3.48
CA HIS B 196 31.47 -8.36 -4.73
C HIS B 196 31.66 -7.38 -5.88
N GLU B 197 32.30 -7.83 -6.96
CA GLU B 197 32.42 -7.01 -8.16
C GLU B 197 31.04 -6.65 -8.71
N GLY B 198 30.93 -5.45 -9.26
CA GLY B 198 29.69 -4.99 -9.85
C GLY B 198 28.56 -4.77 -8.87
N TRP B 199 28.87 -4.54 -7.59
CA TRP B 199 27.82 -4.49 -6.58
C TRP B 199 27.02 -3.20 -6.66
N LEU B 200 27.62 -2.12 -7.18
CA LEU B 200 26.98 -0.80 -7.04
C LEU B 200 26.01 -0.46 -8.18
N GLU B 201 26.36 -0.80 -9.43
CA GLU B 201 25.51 -0.45 -10.58
C GLU B 201 24.06 -0.91 -10.45
N PRO B 202 23.75 -2.15 -10.04
CA PRO B 202 22.32 -2.52 -9.96
C PRO B 202 21.52 -1.64 -8.99
N LEU B 203 22.11 -1.31 -7.83
CA LEU B 203 21.42 -0.44 -6.88
C LEU B 203 21.12 0.91 -7.53
N LEU B 204 22.14 1.50 -8.14
CA LEU B 204 21.96 2.83 -8.71
C LEU B 204 21.00 2.80 -9.90
N GLN B 205 21.08 1.75 -10.72
CA GLN B 205 20.17 1.60 -11.86
C GLN B 205 18.74 1.49 -11.38
N ARG B 206 18.50 0.77 -10.28
CA ARG B 206 17.13 0.63 -9.80
C ARG B 206 16.60 1.97 -9.29
N ILE B 207 17.41 2.71 -8.52
CA ILE B 207 16.96 4.02 -8.06
C ILE B 207 16.81 5.01 -9.22
N HIS B 208 17.60 4.82 -10.28
CA HIS B 208 17.43 5.58 -11.50
C HIS B 208 16.08 5.32 -12.13
N GLU B 209 15.61 4.08 -12.07
CA GLU B 209 14.27 3.78 -12.58
C GLU B 209 13.18 4.31 -11.66
N GLU B 210 13.35 4.13 -10.35
CA GLU B 210 12.29 4.43 -9.38
C GLU B 210 12.88 5.15 -8.16
N GLU B 211 12.60 6.46 -8.05
CA GLU B 211 13.15 7.28 -6.98
CA GLU B 211 13.18 7.25 -6.97
C GLU B 211 12.70 6.83 -5.59
N SER B 212 11.52 6.21 -5.50
CA SER B 212 10.99 5.82 -4.21
C SER B 212 11.33 4.37 -3.84
N ALA B 213 12.29 3.77 -4.52
CA ALA B 213 12.76 2.44 -4.16
C ALA B 213 13.93 2.53 -3.19
N VAL B 214 13.84 1.79 -2.08
CA VAL B 214 14.96 1.50 -1.20
C VAL B 214 15.49 0.12 -1.58
N VAL B 215 16.77 0.04 -1.94
CA VAL B 215 17.31 -1.14 -2.59
C VAL B 215 18.49 -1.67 -1.78
N CYS B 216 18.43 -2.94 -1.44
CA CYS B 216 19.43 -3.59 -0.62
C CYS B 216 20.18 -4.62 -1.45
N PRO B 217 21.48 -4.75 -1.23
CA PRO B 217 22.20 -5.89 -1.79
C PRO B 217 21.77 -7.19 -1.13
N VAL B 218 22.08 -8.31 -1.76
CA VAL B 218 22.00 -9.56 -1.02
C VAL B 218 23.21 -9.63 -0.09
N ILE B 219 22.95 -9.90 1.19
CA ILE B 219 23.97 -9.90 2.23
C ILE B 219 24.51 -11.31 2.36
N ASP B 220 25.77 -11.48 2.04
CA ASP B 220 26.43 -12.77 2.11
C ASP B 220 27.24 -12.86 3.40
N VAL B 221 27.45 -14.07 3.88
CA VAL B 221 28.24 -14.26 5.09
C VAL B 221 29.72 -14.27 4.74
N ILE B 222 30.52 -13.51 5.50
CA ILE B 222 31.94 -13.75 5.65
C ILE B 222 32.17 -14.34 7.04
N ASP B 223 32.76 -15.54 7.10
CA ASP B 223 32.87 -16.25 8.36
C ASP B 223 33.81 -15.53 9.31
N TRP B 224 33.35 -15.27 10.53
CA TRP B 224 34.15 -14.51 11.49
C TRP B 224 35.38 -15.27 11.93
N ASN B 225 35.44 -16.58 11.72
CA ASN B 225 36.59 -17.34 12.19
C ASN B 225 37.59 -17.69 11.10
N THR B 226 37.12 -17.99 9.88
CA THR B 226 37.98 -18.38 8.77
C THR B 226 38.06 -17.34 7.67
N PHE B 227 37.17 -16.35 7.68
CA PHE B 227 37.02 -15.30 6.67
C PHE B 227 36.67 -15.86 5.30
N GLU B 228 36.09 -17.05 5.27
CA GLU B 228 35.54 -17.59 4.03
C GLU B 228 34.34 -16.77 3.58
N TYR B 229 34.25 -16.57 2.27
CA TYR B 229 33.13 -15.87 1.65
C TYR B 229 32.08 -16.89 1.24
N LEU B 230 30.84 -16.69 1.70
CA LEU B 230 29.77 -17.66 1.49
C LEU B 230 28.70 -17.13 0.55
N GLY B 231 29.04 -16.20 -0.33
CA GLY B 231 28.08 -15.78 -1.34
C GLY B 231 27.87 -16.87 -2.36
N ASN B 232 26.66 -16.91 -2.92
CA ASN B 232 26.35 -17.90 -3.96
C ASN B 232 25.35 -17.34 -4.97
N SER B 233 25.13 -18.12 -6.02
CA SER B 233 24.36 -17.67 -7.18
C SER B 233 22.89 -18.03 -7.07
N GLY B 234 22.44 -18.58 -5.96
CA GLY B 234 21.05 -18.95 -5.86
C GLY B 234 20.16 -17.77 -5.52
N GLU B 235 18.85 -18.03 -5.56
CA GLU B 235 17.88 -17.02 -5.16
C GLU B 235 18.11 -16.62 -3.70
N PRO B 236 18.24 -15.34 -3.40
CA PRO B 236 18.48 -14.94 -2.00
C PRO B 236 17.21 -15.06 -1.17
N GLN B 237 17.41 -15.12 0.14
CA GLN B 237 16.36 -14.96 1.11
C GLN B 237 16.03 -13.48 1.27
N ILE B 238 14.82 -13.20 1.78
CA ILE B 238 14.37 -11.83 1.99
C ILE B 238 13.90 -11.71 3.42
N GLY B 239 13.66 -10.48 3.84
CA GLY B 239 13.47 -10.14 5.25
C GLY B 239 12.03 -10.10 5.69
N GLY B 240 11.78 -10.60 6.90
CA GLY B 240 10.50 -10.44 7.57
C GLY B 240 10.73 -10.24 9.05
N PHE B 241 9.76 -10.65 9.86
CA PHE B 241 9.84 -10.54 11.31
C PHE B 241 8.86 -11.53 11.91
N ASP B 242 9.01 -11.80 13.20
CA ASP B 242 7.98 -12.53 13.91
C ASP B 242 7.32 -11.61 14.94
N TRP B 243 6.41 -12.17 15.71
CA TRP B 243 5.65 -11.32 16.61
C TRP B 243 6.40 -10.99 17.90
N ARG B 244 7.65 -11.41 18.04
CA ARG B 244 8.56 -10.82 19.01
CA ARG B 244 8.56 -10.82 19.01
C ARG B 244 9.26 -9.59 18.47
N LEU B 245 8.88 -9.15 17.26
CA LEU B 245 9.53 -8.05 16.55
C LEU B 245 11.02 -8.27 16.43
N VAL B 246 11.43 -9.51 16.15
CA VAL B 246 12.80 -9.79 15.77
C VAL B 246 12.82 -10.08 14.27
N PHE B 247 13.79 -9.49 13.58
CA PHE B 247 13.97 -9.69 12.16
C PHE B 247 14.26 -11.16 11.87
N THR B 248 13.65 -11.70 10.81
CA THR B 248 13.92 -13.06 10.41
C THR B 248 14.04 -13.14 8.90
N TRP B 249 14.69 -14.18 8.41
CA TRP B 249 14.81 -14.42 6.99
C TRP B 249 13.74 -15.39 6.56
N HIS B 250 13.27 -15.25 5.32
CA HIS B 250 12.39 -16.27 4.76
C HIS B 250 12.64 -16.40 3.26
N THR B 251 12.08 -17.45 2.69
CA THR B 251 12.22 -17.74 1.26
C THR B 251 11.27 -16.84 0.47
N VAL B 252 11.72 -16.41 -0.70
CA VAL B 252 10.84 -15.60 -1.57
C VAL B 252 9.56 -16.37 -1.86
N PRO B 253 8.38 -15.78 -1.62
CA PRO B 253 7.14 -16.50 -1.92
C PRO B 253 6.89 -16.60 -3.41
N GLU B 254 5.99 -17.53 -3.75
CA GLU B 254 5.63 -17.79 -5.15
C GLU B 254 4.95 -16.59 -5.78
N ARG B 255 4.13 -15.88 -5.01
CA ARG B 255 3.50 -14.65 -5.48
C ARG B 255 4.53 -13.67 -6.00
N GLU B 256 5.59 -13.43 -5.23
CA GLU B 256 6.62 -12.49 -5.68
C GLU B 256 7.47 -13.10 -6.79
N ARG B 257 7.75 -14.39 -6.72
CA ARG B 257 8.58 -15.02 -7.75
C ARG B 257 7.90 -15.00 -9.11
N ILE B 258 6.57 -15.06 -9.14
CA ILE B 258 5.85 -14.98 -10.41
C ILE B 258 6.07 -13.64 -11.08
N ARG B 259 6.16 -12.56 -10.28
CA ARG B 259 6.29 -11.20 -10.79
C ARG B 259 7.68 -10.85 -11.29
N MET B 260 8.69 -11.64 -10.98
CA MET B 260 10.03 -11.37 -11.51
C MET B 260 10.10 -11.79 -12.97
N GLN B 261 10.62 -10.90 -13.82
CA GLN B 261 10.78 -11.28 -15.21
C GLN B 261 11.98 -12.17 -15.43
N SER B 262 12.98 -12.07 -14.55
CA SER B 262 14.11 -12.99 -14.58
C SER B 262 14.55 -13.28 -13.15
N PRO B 263 15.42 -14.28 -12.94
CA PRO B 263 15.93 -14.51 -11.58
C PRO B 263 16.75 -13.35 -11.04
N VAL B 264 17.27 -12.47 -11.89
CA VAL B 264 18.13 -11.38 -11.43
C VAL B 264 17.39 -10.03 -11.40
N ASP B 265 16.06 -10.05 -11.42
CA ASP B 265 15.27 -8.86 -11.20
CA ASP B 265 15.35 -8.82 -11.20
C ASP B 265 15.15 -8.58 -9.70
N VAL B 266 14.80 -7.34 -9.35
CA VAL B 266 14.63 -6.99 -7.95
C VAL B 266 13.49 -7.82 -7.33
N ILE B 267 13.55 -8.01 -6.00
CA ILE B 267 12.60 -8.82 -5.25
C ILE B 267 12.06 -7.95 -4.13
N ARG B 268 10.75 -7.75 -4.10
CA ARG B 268 10.17 -6.98 -3.01
C ARG B 268 10.30 -7.74 -1.69
N SER B 269 10.63 -7.03 -0.63
CA SER B 269 10.96 -7.60 0.67
C SER B 269 10.21 -6.87 1.77
N PRO B 270 9.46 -7.57 2.63
CA PRO B 270 8.76 -6.87 3.73
C PRO B 270 9.66 -6.03 4.61
N THR B 271 10.84 -6.52 4.99
CA THR B 271 11.74 -5.81 5.88
C THR B 271 13.17 -5.93 5.37
N MET B 272 14.05 -5.09 5.91
CA MET B 272 15.46 -5.15 5.55
C MET B 272 16.27 -5.62 6.73
N ALA B 273 17.30 -6.43 6.45
CA ALA B 273 18.27 -6.82 7.47
C ALA B 273 18.92 -5.60 8.12
N GLY B 274 18.95 -4.47 7.42
CA GLY B 274 19.37 -3.24 8.07
C GLY B 274 20.83 -2.94 7.81
N GLY B 275 21.11 -1.69 7.55
CA GLY B 275 22.48 -1.25 7.49
C GLY B 275 23.13 -1.30 6.13
N LEU B 276 22.64 -2.14 5.21
CA LEU B 276 23.19 -2.20 3.85
C LEU B 276 22.05 -1.88 2.90
N PHE B 277 22.02 -0.64 2.41
CA PHE B 277 20.96 -0.26 1.47
C PHE B 277 21.32 1.05 0.80
N ALA B 278 20.73 1.27 -0.39
CA ALA B 278 20.86 2.52 -1.11
C ALA B 278 19.49 3.17 -1.22
N VAL B 279 19.48 4.50 -1.17
CA VAL B 279 18.25 5.30 -1.22
C VAL B 279 18.61 6.67 -1.74
N SER B 280 17.75 7.23 -2.60
CA SER B 280 17.86 8.63 -2.97
C SER B 280 17.88 9.52 -1.71
N LYS B 281 18.80 10.50 -1.69
CA LYS B 281 18.95 11.40 -0.54
CA LYS B 281 18.93 11.38 -0.53
C LYS B 281 17.68 12.23 -0.30
N LYS B 282 17.10 12.78 -1.38
CA LYS B 282 15.87 13.54 -1.22
C LYS B 282 14.74 12.65 -0.73
N TYR B 283 14.71 11.39 -1.17
CA TYR B 283 13.63 10.52 -0.74
C TYR B 283 13.80 10.09 0.72
N PHE B 284 15.04 9.79 1.11
CA PHE B 284 15.30 9.48 2.51
C PHE B 284 14.87 10.63 3.43
N GLU B 285 15.19 11.88 3.05
CA GLU B 285 14.76 13.03 3.84
C GLU B 285 13.24 13.24 3.81
N TYR B 286 12.60 13.05 2.65
CA TYR B 286 11.14 13.18 2.56
C TYR B 286 10.44 12.23 3.52
N LEU B 287 10.95 11.02 3.66
CA LEU B 287 10.37 9.96 4.48
C LEU B 287 10.66 10.15 5.96
N GLY B 288 11.39 11.19 6.35
CA GLY B 288 11.76 11.38 7.73
C GLY B 288 13.00 10.64 8.18
N SER B 289 13.92 10.32 7.25
CA SER B 289 15.21 9.73 7.59
C SER B 289 15.13 8.54 8.55
N TYR B 290 15.62 8.74 9.77
CA TYR B 290 15.58 7.77 10.85
C TYR B 290 14.94 8.44 12.07
N ASP B 291 14.32 7.62 12.93
CA ASP B 291 13.82 8.07 14.23
C ASP B 291 15.02 8.40 15.11
N THR B 292 15.26 9.70 15.35
CA THR B 292 16.43 10.09 16.13
C THR B 292 16.33 9.68 17.59
N GLY B 293 15.15 9.24 18.06
CA GLY B 293 14.97 8.77 19.42
C GLY B 293 15.42 7.36 19.69
N MET B 294 15.82 6.64 18.66
CA MET B 294 16.40 5.31 18.84
C MET B 294 17.87 5.40 19.25
N GLU B 295 18.28 4.50 20.13
CA GLU B 295 19.59 4.57 20.77
C GLU B 295 20.42 3.32 20.47
N VAL B 296 21.70 3.55 20.16
CA VAL B 296 22.76 2.54 20.06
C VAL B 296 22.56 1.56 18.90
N TRP B 297 21.61 0.62 19.04
CA TRP B 297 21.53 -0.51 18.12
C TRP B 297 20.15 -1.17 18.25
N GLY B 298 19.66 -1.69 17.14
CA GLY B 298 18.46 -2.53 17.11
C GLY B 298 17.19 -1.75 16.79
N GLY B 299 16.28 -2.42 16.08
CA GLY B 299 14.94 -1.93 15.90
C GLY B 299 14.73 -0.91 14.80
N GLU B 300 15.78 -0.20 14.36
CA GLU B 300 15.57 0.85 13.37
C GLU B 300 15.26 0.28 11.99
N ASN B 301 15.82 -0.90 11.67
CA ASN B 301 15.56 -1.51 10.37
C ASN B 301 14.09 -1.86 10.21
N LEU B 302 13.46 -2.37 11.28
CA LEU B 302 12.04 -2.67 11.24
C LEU B 302 11.21 -1.41 11.13
N GLU B 303 11.50 -0.39 11.96
CA GLU B 303 10.74 0.85 11.86
C GLU B 303 10.81 1.44 10.46
N PHE B 304 12.01 1.43 9.88
CA PHE B 304 12.23 1.98 8.56
C PHE B 304 11.49 1.18 7.48
N SER B 305 11.53 -0.16 7.58
CA SER B 305 10.78 -0.99 6.63
C SER B 305 9.28 -0.68 6.67
N PHE B 306 8.70 -0.67 7.87
CA PHE B 306 7.28 -0.35 7.99
C PHE B 306 7.00 1.03 7.39
N ARG B 307 7.89 1.99 7.65
CA ARG B 307 7.69 3.35 7.17
C ARG B 307 7.73 3.42 5.63
N ILE B 308 8.71 2.75 5.01
CA ILE B 308 8.81 2.75 3.55
C ILE B 308 7.54 2.19 2.92
N TRP B 309 7.08 1.04 3.43
CA TRP B 309 5.93 0.44 2.78
C TRP B 309 4.66 1.25 3.04
N GLN B 310 4.42 1.64 4.29
CA GLN B 310 3.17 2.32 4.63
C GLN B 310 3.11 3.72 4.05
N CYS B 311 4.25 4.36 3.79
CA CYS B 311 4.22 5.73 3.30
C CYS B 311 4.46 5.82 1.80
N GLY B 312 4.34 4.70 1.07
CA GLY B 312 4.25 4.77 -0.37
C GLY B 312 5.49 4.37 -1.15
N GLY B 313 6.55 3.93 -0.49
CA GLY B 313 7.74 3.49 -1.18
C GLY B 313 7.73 2.00 -1.44
N VAL B 314 8.86 1.50 -1.91
CA VAL B 314 9.06 0.07 -2.15
C VAL B 314 10.41 -0.31 -1.57
N LEU B 315 10.49 -1.48 -0.95
CA LEU B 315 11.74 -2.01 -0.45
C LEU B 315 12.08 -3.29 -1.23
N GLU B 316 13.29 -3.35 -1.76
CA GLU B 316 13.66 -4.38 -2.73
C GLU B 316 15.06 -4.92 -2.45
N THR B 317 15.24 -6.21 -2.69
CA THR B 317 16.56 -6.84 -2.68
C THR B 317 17.00 -7.05 -4.12
N HIS B 318 18.24 -6.67 -4.45
CA HIS B 318 18.71 -6.83 -5.82
C HIS B 318 19.64 -8.03 -5.95
N PRO B 319 19.23 -9.10 -6.64
CA PRO B 319 20.08 -10.29 -6.74
C PRO B 319 21.43 -10.05 -7.40
N CYS B 320 21.62 -8.97 -8.15
CA CYS B 320 22.91 -8.73 -8.80
C CYS B 320 23.91 -7.98 -7.92
N SER B 321 23.45 -7.34 -6.86
CA SER B 321 24.33 -6.65 -5.92
C SER B 321 24.63 -7.58 -4.74
N HIS B 322 25.90 -7.91 -4.53
CA HIS B 322 26.31 -8.79 -3.43
C HIS B 322 27.31 -8.06 -2.53
N VAL B 323 27.08 -8.13 -1.22
CA VAL B 323 28.01 -7.57 -0.24
C VAL B 323 28.23 -8.59 0.89
N GLY B 324 29.48 -8.97 1.11
CA GLY B 324 29.81 -9.81 2.25
C GLY B 324 29.88 -9.01 3.54
N HIS B 325 29.49 -9.66 4.63
CA HIS B 325 29.39 -9.02 5.94
C HIS B 325 29.89 -9.99 6.99
N VAL B 326 30.84 -9.55 7.82
CA VAL B 326 31.38 -10.39 8.89
C VAL B 326 30.41 -10.39 10.07
N PHE B 327 29.48 -11.33 10.07
CA PHE B 327 28.63 -11.55 11.23
C PHE B 327 29.44 -12.00 12.44
N PRO B 328 29.33 -11.33 13.57
CA PRO B 328 30.18 -11.69 14.71
C PRO B 328 29.73 -12.96 15.41
N LYS B 329 30.65 -13.55 16.18
CA LYS B 329 30.32 -14.72 16.97
C LYS B 329 29.16 -14.42 17.92
N GLN B 330 29.22 -13.27 18.59
CA GLN B 330 28.11 -12.77 19.39
C GLN B 330 28.20 -11.25 19.37
N ALA B 331 27.33 -10.58 20.13
CA ALA B 331 27.34 -9.12 20.16
C ALA B 331 28.71 -8.58 20.57
N PRO B 332 29.32 -7.69 19.79
CA PRO B 332 30.65 -7.16 20.16
C PRO B 332 30.60 -6.02 21.19
N TYR B 333 29.41 -5.50 21.51
CA TYR B 333 29.26 -4.45 22.52
C TYR B 333 27.86 -4.62 23.11
N SER B 334 27.61 -3.89 24.20
CA SER B 334 26.34 -3.97 24.93
C SER B 334 25.17 -3.46 24.07
N ARG B 335 24.19 -4.31 23.84
CA ARG B 335 22.99 -3.95 23.09
C ARG B 335 21.77 -4.03 24.02
N ASN B 336 21.52 -2.94 24.76
CA ASN B 336 20.48 -2.88 25.78
C ASN B 336 19.32 -1.98 25.41
N LYS B 337 19.30 -1.44 24.19
CA LYS B 337 18.28 -0.49 23.75
C LYS B 337 17.39 -1.06 22.66
N ALA B 338 17.67 -2.26 22.17
CA ALA B 338 16.87 -2.83 21.10
C ALA B 338 15.40 -2.90 21.50
N LEU B 339 15.12 -3.22 22.77
CA LEU B 339 13.74 -3.35 23.21
C LEU B 339 13.01 -2.02 23.14
N ALA B 340 13.59 -0.97 23.74
CA ALA B 340 12.98 0.36 23.65
C ALA B 340 12.84 0.85 22.20
N ASN B 341 13.84 0.59 21.36
CA ASN B 341 13.73 1.01 19.96
C ASN B 341 12.55 0.29 19.30
N SER B 342 12.39 -0.99 19.60
CA SER B 342 11.32 -1.77 19.00
C SER B 342 9.97 -1.28 19.48
N VAL B 343 9.89 -0.84 20.73
CA VAL B 343 8.64 -0.29 21.24
C VAL B 343 8.30 1.01 20.51
N ARG B 344 9.29 1.87 20.27
CA ARG B 344 9.05 3.09 19.48
C ARG B 344 8.49 2.74 18.10
N ALA B 345 9.04 1.72 17.46
CA ALA B 345 8.49 1.26 16.17
C ALA B 345 7.06 0.77 16.32
N ALA B 346 6.80 -0.02 17.36
CA ALA B 346 5.50 -0.65 17.53
C ALA B 346 4.44 0.39 17.80
N GLU B 347 4.76 1.36 18.66
CA GLU B 347 3.83 2.41 19.06
C GLU B 347 3.54 3.36 17.92
N VAL B 348 4.47 3.55 17.00
CA VAL B 348 4.20 4.50 15.92
C VAL B 348 3.49 3.83 14.74
N TRP B 349 3.89 2.60 14.37
CA TRP B 349 3.45 2.03 13.09
C TRP B 349 2.48 0.87 13.17
N MET B 350 2.37 0.16 14.29
CA MET B 350 1.69 -1.14 14.27
C MET B 350 0.23 -1.09 14.66
N ASP B 351 -0.28 0.07 15.10
CA ASP B 351 -1.68 0.18 15.44
C ASP B 351 -2.06 -0.94 16.42
N GLU B 352 -3.23 -1.56 16.26
CA GLU B 352 -3.69 -2.52 17.26
C GLU B 352 -2.82 -3.78 17.30
N PHE B 353 -2.08 -4.05 16.22
CA PHE B 353 -1.22 -5.23 16.22
C PHE B 353 -0.05 -5.11 17.18
N LYS B 354 0.21 -3.93 17.74
CA LYS B 354 1.24 -3.87 18.78
C LYS B 354 0.89 -4.81 19.93
N GLU B 355 -0.40 -5.08 20.16
CA GLU B 355 -0.77 -5.94 21.28
C GLU B 355 -0.26 -7.37 21.09
N LEU B 356 -0.26 -7.86 19.85
CA LEU B 356 0.28 -9.20 19.59
C LEU B 356 1.73 -9.28 20.01
N TYR B 357 2.48 -8.19 19.80
CA TYR B 357 3.86 -8.11 20.25
C TYR B 357 3.95 -8.07 21.77
N TYR B 358 3.16 -7.20 22.41
CA TYR B 358 3.28 -7.09 23.86
C TYR B 358 2.92 -8.41 24.55
N HIS B 359 2.01 -9.20 23.96
CA HIS B 359 1.63 -10.48 24.55
C HIS B 359 2.79 -11.46 24.48
N ARG B 360 3.63 -11.37 23.46
CA ARG B 360 4.67 -12.36 23.28
C ARG B 360 6.01 -11.91 23.83
N ASN B 361 6.16 -10.65 24.16
CA ASN B 361 7.34 -10.16 24.88
C ASN B 361 6.85 -9.19 25.95
N PRO B 362 6.42 -9.71 27.11
CA PRO B 362 5.80 -8.84 28.11
C PRO B 362 6.74 -7.78 28.70
N ARG B 363 8.06 -7.99 28.67
CA ARG B 363 8.98 -6.95 29.15
C ARG B 363 8.80 -5.66 28.39
N ALA B 364 8.33 -5.74 27.14
CA ALA B 364 8.19 -4.52 26.33
C ALA B 364 7.24 -3.53 26.99
N ARG B 365 6.25 -4.02 27.75
CA ARG B 365 5.30 -3.10 28.36
CA ARG B 365 5.30 -3.13 28.41
C ARG B 365 5.97 -2.21 29.40
N LEU B 366 7.06 -2.67 30.03
CA LEU B 366 7.70 -1.88 31.06
C LEU B 366 8.79 -0.94 30.55
N GLU B 367 9.22 -1.09 29.30
CA GLU B 367 10.42 -0.40 28.83
C GLU B 367 10.13 1.07 28.51
N PRO B 368 10.85 2.03 29.09
CA PRO B 368 10.69 3.42 28.67
C PRO B 368 11.16 3.59 27.23
N PHE B 369 10.36 4.27 26.42
CA PHE B 369 10.67 4.45 25.01
C PHE B 369 10.67 5.92 24.58
N GLY B 370 10.50 6.85 25.52
CA GLY B 370 10.63 8.27 25.22
C GLY B 370 9.38 8.85 24.57
N ASP B 371 9.59 9.89 23.79
CA ASP B 371 8.53 10.67 23.18
C ASP B 371 8.49 10.35 21.69
N VAL B 372 7.33 9.90 21.21
CA VAL B 372 7.15 9.56 19.79
C VAL B 372 6.17 10.53 19.11
N THR B 373 5.88 11.67 19.74
CA THR B 373 4.92 12.62 19.18
C THR B 373 5.31 13.05 17.77
N GLU B 374 6.58 13.35 17.56
CA GLU B 374 7.00 13.83 16.24
C GLU B 374 6.94 12.72 15.19
N ARG B 375 7.23 11.48 15.56
CA ARG B 375 7.11 10.42 14.55
C ARG B 375 5.65 10.15 14.22
N LYS B 376 4.75 10.24 15.20
CA LYS B 376 3.33 10.10 14.89
C LYS B 376 2.86 11.26 14.00
N GLN B 377 3.34 12.47 14.27
CA GLN B 377 3.00 13.59 13.40
C GLN B 377 3.55 13.40 12.00
N LEU B 378 4.75 12.84 11.89
CA LEU B 378 5.29 12.48 10.59
C LEU B 378 4.37 11.50 9.89
N ARG B 379 3.89 10.48 10.63
CA ARG B 379 3.01 9.50 10.02
C ARG B 379 1.75 10.15 9.48
N ASP B 380 1.19 11.11 10.21
CA ASP B 380 -0.01 11.80 9.74
C ASP B 380 0.30 12.70 8.55
N LYS B 381 1.45 13.38 8.58
CA LYS B 381 1.82 14.27 7.48
C LYS B 381 1.96 13.51 6.15
N LEU B 382 2.61 12.34 6.18
CA LEU B 382 2.84 11.54 4.99
C LEU B 382 1.61 10.73 4.54
N GLN B 383 0.52 10.78 5.29
CA GLN B 383 -0.74 10.10 4.96
C GLN B 383 -0.50 8.61 4.71
N CYS B 384 0.24 7.99 5.62
CA CYS B 384 0.65 6.60 5.42
C CYS B 384 -0.53 5.65 5.62
N LYS B 385 -0.45 4.49 4.96
CA LYS B 385 -1.42 3.43 5.15
C LYS B 385 -1.22 2.76 6.50
N ASP B 386 -2.22 1.97 6.92
CA ASP B 386 -2.15 1.40 8.26
C ASP B 386 -1.47 0.03 8.24
N PHE B 387 -1.24 -0.52 9.44
CA PHE B 387 -0.45 -1.74 9.52
C PHE B 387 -1.22 -2.95 8.98
N LYS B 388 -2.55 -2.95 9.10
CA LYS B 388 -3.33 -4.02 8.52
C LYS B 388 -3.15 -4.09 7.01
N TRP B 389 -3.11 -2.92 6.34
CA TRP B 389 -2.76 -2.89 4.92
C TRP B 389 -1.42 -3.55 4.68
N PHE B 390 -0.42 -3.22 5.51
CA PHE B 390 0.92 -3.76 5.33
C PHE B 390 0.91 -5.28 5.43
N LEU B 391 0.25 -5.82 6.45
CA LEU B 391 0.18 -7.26 6.62
C LEU B 391 -0.54 -7.93 5.46
N GLU B 392 -1.67 -7.38 5.03
CA GLU B 392 -2.46 -8.05 4.00
C GLU B 392 -1.85 -7.88 2.61
N THR B 393 -1.11 -6.80 2.36
CA THR B 393 -0.63 -6.49 1.02
C THR B 393 0.85 -6.77 0.84
N VAL B 394 1.69 -6.37 1.80
CA VAL B 394 3.12 -6.57 1.65
C VAL B 394 3.53 -7.95 2.15
N TYR B 395 2.92 -8.43 3.24
CA TYR B 395 3.42 -9.60 3.95
C TYR B 395 2.29 -10.59 4.26
N PRO B 396 1.48 -10.99 3.27
CA PRO B 396 0.33 -11.85 3.56
C PRO B 396 0.70 -13.25 4.02
N GLU B 397 1.94 -13.71 3.81
CA GLU B 397 2.27 -15.06 4.25
C GLU B 397 2.47 -15.15 5.75
N LEU B 398 2.67 -14.02 6.43
CA LEU B 398 2.84 -14.01 7.89
C LEU B 398 1.53 -14.30 8.59
N HIS B 399 1.51 -15.34 9.42
CA HIS B 399 0.30 -15.64 10.17
C HIS B 399 0.09 -14.59 11.25
N VAL B 400 -1.14 -14.08 11.35
CA VAL B 400 -1.50 -13.04 12.31
C VAL B 400 -2.33 -13.66 13.42
N PRO B 401 -1.80 -13.83 14.63
CA PRO B 401 -2.59 -14.39 15.72
C PRO B 401 -3.77 -13.50 16.07
N GLU B 402 -4.78 -14.12 16.65
CA GLU B 402 -5.97 -13.41 17.12
C GLU B 402 -5.82 -12.89 18.53
N ASP B 403 -5.22 -13.71 19.41
CA ASP B 403 -5.10 -13.44 20.85
C ASP B 403 -6.43 -12.92 21.40
N ARG B 404 -7.44 -13.76 21.29
CA ARG B 404 -8.75 -13.40 21.80
C ARG B 404 -8.71 -13.33 23.32
N PRO B 405 -9.38 -12.35 23.92
CA PRO B 405 -9.39 -12.24 25.39
C PRO B 405 -9.78 -13.54 26.07
N GLY B 406 -8.97 -13.94 27.05
CA GLY B 406 -9.24 -15.15 27.80
C GLY B 406 -8.78 -16.42 27.13
N PHE B 407 -8.20 -16.32 25.94
CA PHE B 407 -7.81 -17.48 25.14
C PHE B 407 -6.32 -17.49 24.83
N PHE B 408 -5.50 -16.77 25.58
CA PHE B 408 -4.06 -16.84 25.37
C PHE B 408 -3.33 -16.61 26.69
N GLY B 409 -2.08 -17.03 26.72
CA GLY B 409 -1.26 -16.94 27.91
C GLY B 409 -0.80 -18.32 28.36
N MET B 410 -0.65 -18.46 29.68
CA MET B 410 -0.37 -19.78 30.21
C MET B 410 -1.69 -20.55 30.36
N LEU B 411 -1.65 -21.84 30.03
CA LEU B 411 -2.83 -22.70 30.03
C LEU B 411 -2.74 -23.56 31.28
N GLN B 412 -3.42 -23.13 32.34
CA GLN B 412 -3.29 -23.62 33.69
C GLN B 412 -4.41 -24.61 34.02
N ASN B 413 -4.12 -25.54 34.93
CA ASN B 413 -5.06 -26.57 35.36
C ASN B 413 -5.76 -26.16 36.64
N LYS B 414 -7.06 -26.47 36.73
CA LYS B 414 -7.80 -26.13 37.94
C LYS B 414 -7.45 -27.08 39.08
N GLY B 415 -7.36 -28.38 38.80
CA GLY B 415 -7.15 -29.37 39.84
C GLY B 415 -5.72 -29.40 40.35
N LEU B 416 -4.75 -29.41 39.43
CA LEU B 416 -3.33 -29.45 39.78
C LEU B 416 -2.85 -28.00 39.85
N THR B 417 -2.99 -27.40 41.02
CA THR B 417 -2.85 -25.95 41.16
C THR B 417 -1.45 -25.47 40.78
N ASP B 418 -1.40 -24.40 40.01
CA ASP B 418 -0.19 -23.68 39.59
C ASP B 418 0.65 -24.48 38.60
N TYR B 419 0.06 -25.42 37.88
CA TYR B 419 0.73 -26.12 36.78
C TYR B 419 0.09 -25.70 35.47
N CYS B 420 0.90 -25.54 34.42
CA CYS B 420 0.36 -25.21 33.12
C CYS B 420 1.08 -25.98 32.02
N PHE B 421 0.46 -25.96 30.83
CA PHE B 421 1.06 -26.49 29.62
C PHE B 421 2.48 -25.97 29.45
N ASP B 422 3.38 -26.85 29.06
CA ASP B 422 4.77 -26.48 28.87
C ASP B 422 5.35 -27.29 27.73
N TYR B 423 5.94 -26.60 26.75
CA TYR B 423 6.56 -27.26 25.61
C TYR B 423 7.97 -26.73 25.42
N ASN B 424 8.94 -27.63 25.39
CA ASN B 424 10.34 -27.29 25.20
C ASN B 424 10.89 -28.13 24.04
N PRO B 425 11.00 -27.56 22.85
CA PRO B 425 11.54 -28.30 21.71
C PRO B 425 12.97 -28.72 21.94
N PRO B 426 13.46 -29.75 21.23
CA PRO B 426 14.88 -30.10 21.33
C PRO B 426 15.73 -28.96 20.81
N ASP B 427 15.47 -28.58 19.56
CA ASP B 427 16.05 -27.42 18.91
C ASP B 427 14.99 -26.33 18.82
N GLU B 428 15.37 -25.09 19.12
CA GLU B 428 14.43 -23.99 19.01
C GLU B 428 13.93 -23.81 17.57
N ASN B 429 14.69 -24.32 16.60
CA ASN B 429 14.29 -24.26 15.20
C ASN B 429 13.36 -25.42 14.84
N GLN B 430 13.69 -26.63 15.28
CA GLN B 430 12.89 -27.83 14.99
C GLN B 430 11.96 -28.08 16.17
N ILE B 431 10.70 -27.67 16.05
CA ILE B 431 9.76 -27.73 17.17
C ILE B 431 8.84 -28.95 17.15
N VAL B 432 8.77 -29.67 16.07
CA VAL B 432 7.74 -30.70 15.94
C VAL B 432 8.21 -32.00 16.57
N GLY B 433 7.28 -32.70 17.21
CA GLY B 433 7.45 -34.09 17.56
C GLY B 433 7.87 -34.41 18.97
N HIS B 434 7.60 -33.54 19.94
CA HIS B 434 7.89 -33.82 21.34
C HIS B 434 6.63 -33.63 22.15
N GLN B 435 6.61 -34.24 23.32
CA GLN B 435 5.40 -34.26 24.14
C GLN B 435 5.24 -32.93 24.86
N VAL B 436 4.01 -32.42 24.85
CA VAL B 436 3.65 -31.32 25.74
C VAL B 436 3.52 -31.86 27.16
N ILE B 437 4.11 -31.16 28.12
CA ILE B 437 4.05 -31.65 29.50
C ILE B 437 3.39 -30.60 30.38
N LEU B 438 3.36 -30.83 31.68
CA LEU B 438 2.91 -29.83 32.64
C LEU B 438 4.09 -29.37 33.47
N TYR B 439 4.04 -28.13 33.92
CA TYR B 439 5.21 -27.55 34.58
C TYR B 439 4.74 -26.41 35.46
N LEU B 440 5.44 -26.21 36.58
CA LEU B 440 5.12 -25.10 37.46
C LEU B 440 5.09 -23.79 36.68
N CYS B 441 3.99 -23.06 36.81
CA CYS B 441 3.84 -21.80 36.08
C CYS B 441 4.87 -20.80 36.54
N HIS B 442 5.53 -20.12 35.60
CA HIS B 442 6.50 -19.09 35.93
C HIS B 442 6.21 -17.73 35.31
N GLY B 443 5.26 -17.63 34.38
CA GLY B 443 4.91 -16.32 33.86
C GLY B 443 5.90 -15.73 32.88
N MET B 444 6.95 -16.47 32.50
CA MET B 444 7.95 -15.95 31.58
C MET B 444 7.56 -16.13 30.12
N GLY B 445 6.43 -16.75 29.83
CA GLY B 445 6.06 -16.89 28.43
C GLY B 445 6.89 -17.95 27.72
N GLN B 446 7.15 -17.72 26.44
CA GLN B 446 7.89 -18.64 25.58
C GLN B 446 7.38 -20.08 25.72
N ASN B 447 8.06 -20.92 26.50
CA ASN B 447 7.66 -22.32 26.63
C ASN B 447 6.31 -22.50 27.32
N GLN B 448 5.78 -21.48 27.97
CA GLN B 448 4.47 -21.61 28.59
C GLN B 448 3.44 -20.69 27.95
N PHE B 449 3.71 -20.17 26.75
CA PHE B 449 2.78 -19.29 26.08
C PHE B 449 2.01 -20.05 24.99
N PHE B 450 0.68 -20.05 25.09
CA PHE B 450 -0.16 -20.72 24.11
C PHE B 450 -1.35 -19.83 23.76
N GLU B 451 -1.92 -20.08 22.59
CA GLU B 451 -3.09 -19.37 22.11
C GLU B 451 -4.07 -20.41 21.59
N TYR B 452 -5.29 -20.40 22.13
CA TYR B 452 -6.38 -21.22 21.60
C TYR B 452 -7.15 -20.40 20.56
N THR B 453 -7.20 -20.90 19.33
CA THR B 453 -7.69 -20.09 18.21
C THR B 453 -9.12 -20.47 17.85
N SER B 454 -9.71 -19.62 17.01
CA SER B 454 -11.07 -19.83 16.51
C SER B 454 -11.17 -21.06 15.60
N GLN B 455 -10.06 -21.58 15.10
CA GLN B 455 -10.04 -22.82 14.34
C GLN B 455 -9.84 -24.04 15.23
N LYS B 456 -10.08 -23.91 16.54
CA LYS B 456 -10.02 -25.00 17.51
C LYS B 456 -8.61 -25.52 17.74
N GLU B 457 -7.58 -24.75 17.41
CA GLU B 457 -6.21 -25.19 17.60
C GLU B 457 -5.64 -24.64 18.91
N ILE B 458 -4.74 -25.40 19.50
CA ILE B 458 -3.89 -24.93 20.60
C ILE B 458 -2.54 -24.61 19.98
N ARG B 459 -2.25 -23.32 19.82
CA ARG B 459 -1.06 -22.89 19.12
C ARG B 459 0.06 -22.53 20.08
N TYR B 460 1.28 -22.84 19.66
CA TYR B 460 2.51 -22.53 20.36
C TYR B 460 3.26 -21.56 19.44
N ASN B 461 3.04 -20.25 19.62
CA ASN B 461 3.43 -19.30 18.58
C ASN B 461 4.05 -18.01 19.15
N THR B 462 4.93 -18.12 20.14
CA THR B 462 5.80 -16.97 20.46
C THR B 462 6.68 -16.63 19.27
N HIS B 463 7.26 -17.65 18.62
CA HIS B 463 8.06 -17.48 17.42
C HIS B 463 7.50 -18.39 16.34
N GLN B 464 8.06 -18.28 15.14
CA GLN B 464 7.62 -19.02 13.97
C GLN B 464 8.58 -20.18 13.70
N PRO B 465 8.12 -21.24 13.01
CA PRO B 465 6.75 -21.48 12.55
C PRO B 465 5.85 -21.81 13.72
N GLU B 466 4.55 -21.54 13.57
CA GLU B 466 3.60 -21.82 14.63
C GLU B 466 3.47 -23.32 14.84
N GLY B 467 3.54 -23.74 16.10
CA GLY B 467 3.22 -25.11 16.44
C GLY B 467 1.76 -25.27 16.81
N CYS B 468 1.22 -26.44 16.51
CA CYS B 468 -0.16 -26.79 16.86
C CYS B 468 -0.13 -28.11 17.60
N ILE B 469 -0.80 -28.18 18.74
CA ILE B 469 -0.89 -29.44 19.48
C ILE B 469 -1.79 -30.41 18.72
N ALA B 470 -1.36 -31.66 18.66
CA ALA B 470 -2.08 -32.75 18.01
C ALA B 470 -1.99 -34.00 18.87
N VAL B 471 -2.84 -34.97 18.55
CA VAL B 471 -2.76 -36.30 19.14
C VAL B 471 -2.71 -37.30 17.99
N GLU B 472 -1.63 -38.07 17.91
CA GLU B 472 -1.48 -39.04 16.84
C GLU B 472 -2.38 -40.25 17.08
N ALA B 473 -2.61 -40.99 16.00
CA ALA B 473 -3.55 -42.10 15.98
C ALA B 473 -3.25 -43.12 17.08
N GLY B 474 -4.23 -43.32 17.97
CA GLY B 474 -4.12 -44.36 18.98
C GLY B 474 -3.26 -44.02 20.18
N MET B 475 -3.16 -42.75 20.54
CA MET B 475 -2.32 -42.34 21.66
C MET B 475 -3.13 -41.45 22.58
N ASP B 476 -2.61 -41.27 23.79
CA ASP B 476 -3.22 -40.35 24.75
C ASP B 476 -2.35 -39.14 25.04
N THR B 477 -1.15 -39.07 24.45
CA THR B 477 -0.22 -37.97 24.70
C THR B 477 -0.44 -36.84 23.71
N LEU B 478 -0.09 -35.62 24.13
CA LEU B 478 -0.19 -34.43 23.31
C LEU B 478 1.19 -34.12 22.72
N ILE B 479 1.24 -34.01 21.40
CA ILE B 479 2.48 -33.86 20.64
C ILE B 479 2.38 -32.60 19.79
N MET B 480 3.50 -31.92 19.62
CA MET B 480 3.52 -30.70 18.84
C MET B 480 3.79 -31.02 17.37
N HIS B 481 2.82 -30.67 16.50
CA HIS B 481 2.91 -30.73 15.05
C HIS B 481 3.01 -29.30 14.50
N LEU B 482 3.10 -29.15 13.19
CA LEU B 482 3.03 -27.82 12.58
C LEU B 482 1.59 -27.44 12.28
N CYS B 483 1.29 -26.16 12.46
CA CYS B 483 0.01 -25.63 12.01
C CYS B 483 -0.02 -25.53 10.50
N GLU B 484 -1.16 -25.83 9.92
CA GLU B 484 -1.32 -25.80 8.48
C GLU B 484 -2.48 -24.88 8.13
N GLU B 485 -2.69 -24.68 6.82
CA GLU B 485 -3.72 -23.76 6.36
C GLU B 485 -5.09 -24.22 6.83
N THR B 486 -5.40 -25.49 6.62
CA THR B 486 -6.61 -26.12 7.13
C THR B 486 -6.21 -27.06 8.26
N ALA B 487 -6.72 -26.80 9.46
CA ALA B 487 -6.39 -27.59 10.61
C ALA B 487 -6.72 -29.06 10.36
N PRO B 488 -5.77 -29.97 10.46
CA PRO B 488 -6.11 -31.39 10.39
C PRO B 488 -6.94 -31.81 11.61
N GLU B 489 -7.66 -32.91 11.44
CA GLU B 489 -8.68 -33.30 12.43
C GLU B 489 -8.08 -33.62 13.78
N ASN B 490 -6.86 -34.15 13.83
CA ASN B 490 -6.27 -34.51 15.11
C ASN B 490 -5.72 -33.32 15.88
N GLN B 491 -5.88 -32.09 15.36
CA GLN B 491 -5.48 -30.88 16.07
C GLN B 491 -6.66 -30.10 16.64
N LYS B 492 -7.89 -30.56 16.43
CA LYS B 492 -9.07 -29.79 16.84
C LYS B 492 -9.42 -30.12 18.29
N PHE B 493 -9.35 -29.11 19.15
CA PHE B 493 -9.82 -29.16 20.53
C PHE B 493 -10.99 -28.19 20.71
N ILE B 494 -11.92 -28.53 21.58
CA ILE B 494 -13.02 -27.67 21.96
C ILE B 494 -12.82 -27.29 23.42
N LEU B 495 -12.58 -26.01 23.68
CA LEU B 495 -12.41 -25.50 25.03
C LEU B 495 -13.75 -24.91 25.46
N GLN B 496 -14.44 -25.61 26.35
CA GLN B 496 -15.75 -25.17 26.79
C GLN B 496 -15.64 -24.16 27.94
N GLU B 497 -16.75 -23.47 28.19
CA GLU B 497 -16.77 -22.39 29.17
C GLU B 497 -16.47 -22.90 30.57
N ASP B 498 -16.86 -24.16 30.87
CA ASP B 498 -16.56 -24.76 32.16
C ASP B 498 -15.10 -25.14 32.32
N GLY B 499 -14.31 -25.13 31.25
CA GLY B 499 -12.89 -25.46 31.32
C GLY B 499 -12.53 -26.78 30.67
N SER B 500 -13.50 -27.53 30.15
CA SER B 500 -13.21 -28.82 29.54
C SER B 500 -12.48 -28.63 28.23
N LEU B 501 -11.43 -29.41 28.02
CA LEU B 501 -10.64 -29.37 26.79
C LEU B 501 -10.87 -30.72 26.09
N PHE B 502 -11.72 -30.68 25.07
CA PHE B 502 -12.27 -31.88 24.44
C PHE B 502 -11.55 -32.12 23.11
N HIS B 503 -10.91 -33.27 22.97
CA HIS B 503 -10.27 -33.61 21.71
C HIS B 503 -11.28 -34.26 20.78
N GLU B 504 -11.53 -33.64 19.61
CA GLU B 504 -12.73 -33.98 18.84
C GLU B 504 -12.66 -35.38 18.21
N GLN B 505 -11.55 -35.75 17.59
CA GLN B 505 -11.53 -37.03 16.89
C GLN B 505 -11.39 -38.20 17.86
N SER B 506 -10.66 -38.03 18.95
CA SER B 506 -10.56 -39.07 19.98
C SER B 506 -11.84 -39.15 20.82
N LYS B 507 -12.62 -38.08 20.86
CA LYS B 507 -13.79 -37.96 21.74
C LYS B 507 -13.41 -38.04 23.21
N LYS B 508 -12.20 -37.62 23.55
CA LYS B 508 -11.70 -37.66 24.91
C LYS B 508 -11.31 -36.25 25.38
N CYS B 509 -11.17 -36.12 26.70
CA CYS B 509 -10.82 -34.87 27.37
C CYS B 509 -9.37 -34.88 27.84
N VAL B 510 -8.78 -33.69 27.90
CA VAL B 510 -7.40 -33.54 28.38
C VAL B 510 -7.42 -33.43 29.90
N GLN B 511 -6.62 -34.26 30.57
CA GLN B 511 -6.60 -34.36 32.03
C GLN B 511 -5.17 -34.17 32.52
N ALA B 512 -5.00 -33.32 33.53
CA ALA B 512 -3.72 -33.21 34.24
C ALA B 512 -3.48 -34.52 34.97
N ALA B 513 -2.49 -35.30 34.53
CA ALA B 513 -2.27 -36.63 35.06
C ALA B 513 -0.83 -36.83 35.47
N ARG B 514 -0.63 -37.78 36.38
CA ARG B 514 0.69 -38.16 36.84
C ARG B 514 1.20 -39.29 35.94
N LYS B 515 2.15 -38.95 35.07
CA LYS B 515 2.89 -39.93 34.27
C LYS B 515 3.68 -40.84 35.20
N GLU B 516 3.19 -42.05 35.45
CA GLU B 516 3.79 -42.85 36.51
C GLU B 516 5.11 -43.50 36.12
N SER B 517 5.55 -43.37 34.86
CA SER B 517 6.89 -43.84 34.51
C SER B 517 7.98 -42.94 35.09
N SER B 518 7.66 -41.66 35.34
CA SER B 518 8.63 -40.69 35.83
C SER B 518 8.20 -39.94 37.09
N ASP B 519 6.97 -40.13 37.56
CA ASP B 519 6.45 -39.44 38.75
C ASP B 519 6.36 -37.93 38.51
N SER B 520 6.02 -37.55 37.28
CA SER B 520 5.85 -36.15 36.87
C SER B 520 4.42 -35.97 36.34
N PHE B 521 4.15 -34.79 35.75
CA PHE B 521 2.81 -34.45 35.34
C PHE B 521 2.79 -34.11 33.86
N VAL B 522 1.79 -34.66 33.16
CA VAL B 522 1.57 -34.43 31.74
C VAL B 522 0.08 -34.28 31.50
N PRO B 523 -0.30 -33.62 30.43
CA PRO B 523 -1.70 -33.65 30.02
C PRO B 523 -1.98 -34.87 29.16
N LEU B 524 -2.97 -35.68 29.51
CA LEU B 524 -3.29 -36.90 28.76
C LEU B 524 -4.76 -36.99 28.42
N LEU B 525 -5.07 -37.66 27.32
CA LEU B 525 -6.47 -37.91 26.96
C LEU B 525 -7.07 -38.98 27.86
N ARG B 526 -8.24 -38.69 28.41
CA ARG B 526 -8.98 -39.59 29.29
C ARG B 526 -10.46 -39.42 28.99
N ASP B 527 -11.25 -40.36 29.48
CA ASP B 527 -12.69 -40.23 29.35
C ASP B 527 -13.19 -39.05 30.18
N CYS B 528 -14.26 -38.43 29.69
CA CYS B 528 -14.75 -37.17 30.27
C CYS B 528 -15.37 -37.39 31.64
N THR B 529 -14.92 -36.63 32.63
CA THR B 529 -15.52 -36.61 33.96
C THR B 529 -15.68 -35.15 34.40
N ASN B 530 -16.22 -34.96 35.60
CA ASN B 530 -16.37 -33.63 36.17
C ASN B 530 -15.21 -33.23 37.08
N SER B 531 -14.06 -33.90 36.97
CA SER B 531 -12.95 -33.62 37.86
C SER B 531 -12.25 -32.32 37.46
N ASP B 532 -11.74 -31.61 38.47
CA ASP B 532 -10.99 -30.40 38.21
C ASP B 532 -9.69 -30.65 37.47
N HIS B 533 -9.18 -31.89 37.50
CA HIS B 533 -8.00 -32.17 36.70
C HIS B 533 -8.29 -32.18 35.20
N GLN B 534 -9.56 -32.12 34.80
CA GLN B 534 -9.93 -31.93 33.40
C GLN B 534 -10.42 -30.51 33.11
N LYS B 535 -10.26 -29.57 34.03
CA LYS B 535 -10.69 -28.18 33.84
C LYS B 535 -9.45 -27.30 33.64
N TRP B 536 -9.47 -26.46 32.60
CA TRP B 536 -8.32 -25.62 32.24
C TRP B 536 -8.76 -24.17 32.05
N PHE B 537 -7.80 -23.26 32.15
CA PHE B 537 -8.10 -21.84 31.94
C PHE B 537 -6.82 -21.10 31.55
N PHE B 538 -6.98 -20.00 30.85
CA PHE B 538 -5.83 -19.18 30.45
C PHE B 538 -5.59 -18.07 31.44
N LYS B 539 -4.33 -17.77 31.71
CA LYS B 539 -3.98 -16.59 32.49
C LYS B 539 -2.87 -15.85 31.75
N GLU B 540 -3.07 -14.55 31.51
CA GLU B 540 -1.98 -13.76 30.93
C GLU B 540 -0.82 -13.62 31.90
N ARG B 541 -1.11 -13.25 33.15
CA ARG B 541 -0.12 -12.99 34.19
C ARG B 541 -0.37 -13.88 35.40
N MET B 542 0.65 -14.05 36.22
CA MET B 542 0.48 -14.91 37.39
C MET B 542 -0.27 -14.22 38.51
N LEU B 543 0.00 -12.94 38.75
CA LEU B 543 -0.66 -12.23 39.83
C LEU B 543 -1.62 -11.19 39.29
N THR C 5 5.52 19.00 0.49
CA THR C 5 4.10 18.83 0.20
C THR C 5 3.90 17.83 -0.94
N GLY C 6 2.69 17.28 -1.04
CA GLY C 6 2.38 16.27 -2.04
C GLY C 6 1.17 15.43 -1.66
N TYR C 11 -7.48 9.08 -5.69
CA TYR C 11 -8.78 8.45 -5.85
C TYR C 11 -9.16 7.73 -4.57
N TYR C 12 -9.69 8.49 -3.60
CA TYR C 12 -10.22 7.89 -2.38
C TYR C 12 -11.73 8.12 -2.17
N ILE C 13 -12.37 8.93 -3.02
CA ILE C 13 -13.80 9.23 -2.87
C ILE C 13 -14.43 9.39 -4.26
N THR C 14 -15.74 9.15 -4.32
CA THR C 14 -16.53 9.49 -5.49
C THR C 14 -17.06 10.92 -5.35
N PRO C 15 -16.79 11.81 -6.31
CA PRO C 15 -17.22 13.20 -6.15
C PRO C 15 -18.73 13.33 -6.22
N ARG C 16 -19.26 14.23 -5.40
CA ARG C 16 -20.61 14.72 -5.67
C ARG C 16 -20.55 15.78 -6.75
N THR C 17 -21.71 16.08 -7.34
CA THR C 17 -21.80 17.19 -8.28
C THR C 17 -21.85 18.50 -7.51
N GLY C 18 -21.41 19.57 -8.17
CA GLY C 18 -21.45 20.89 -7.57
C GLY C 18 -22.86 21.43 -7.46
N ALA C 19 -23.03 22.35 -6.50
CA ALA C 19 -24.31 23.04 -6.34
C ALA C 19 -24.76 23.70 -7.63
N GLY C 20 -23.81 24.13 -8.47
CA GLY C 20 -24.13 24.75 -9.75
C GLY C 20 -25.13 24.00 -10.63
N ALA C 21 -24.85 22.74 -10.95
CA ALA C 21 -25.73 21.99 -11.84
C ALA C 21 -25.88 20.54 -11.41
N GLY D 1 17.32 -21.99 43.02
CA GLY D 1 15.97 -21.58 42.67
C GLY D 1 15.94 -20.24 41.94
N ALA D 2 17.13 -19.68 41.76
CA ALA D 2 17.30 -18.39 41.09
C ALA D 2 17.37 -18.58 39.58
N GLY D 3 16.91 -17.58 38.85
CA GLY D 3 16.91 -17.65 37.41
C GLY D 3 15.80 -18.53 36.86
N ALA D 4 15.73 -18.53 35.53
CA ALA D 4 14.70 -19.24 34.78
C ALA D 4 15.34 -20.30 33.91
N THR D 5 14.50 -21.23 33.44
CA THR D 5 15.00 -22.21 32.48
C THR D 5 15.20 -21.62 31.09
N GLY D 6 14.93 -20.33 30.90
CA GLY D 6 15.14 -19.69 29.61
C GLY D 6 16.54 -19.10 29.43
N TYR D 11 16.04 -7.69 19.78
CA TYR D 11 16.90 -8.86 19.87
C TYR D 11 18.33 -8.49 20.33
N TYR D 12 19.28 -9.44 20.22
CA TYR D 12 20.67 -9.21 20.60
C TYR D 12 21.67 -9.33 19.45
N ILE D 13 21.35 -10.07 18.39
CA ILE D 13 22.18 -10.12 17.18
C ILE D 13 21.28 -10.17 15.97
N THR D 14 21.83 -9.78 14.81
CA THR D 14 21.12 -9.90 13.54
C THR D 14 21.36 -11.29 12.96
N PRO D 15 20.32 -12.04 12.60
CA PRO D 15 20.53 -13.38 12.07
C PRO D 15 21.18 -13.33 10.69
N ARG D 16 22.11 -14.25 10.46
CA ARG D 16 22.57 -14.57 9.13
C ARG D 16 21.69 -15.68 8.56
N THR D 17 21.74 -15.84 7.24
CA THR D 17 20.94 -16.88 6.61
C THR D 17 21.63 -18.23 6.77
N GLY D 18 20.84 -19.29 6.60
CA GLY D 18 21.37 -20.64 6.66
C GLY D 18 21.18 -21.39 5.36
N ALA D 19 21.12 -22.72 5.45
CA ALA D 19 20.83 -23.60 4.31
C ALA D 19 21.72 -23.33 3.11
N1 UDP E . -18.88 -2.32 -0.55
C2 UDP E . -18.76 -3.69 -0.39
N3 UDP E . -17.53 -4.24 -0.14
C4 UDP E . -16.43 -3.40 -0.06
C5 UDP E . -16.56 -2.02 -0.22
C6 UDP E . -17.82 -1.46 -0.46
O2 UDP E . -19.76 -4.42 -0.49
O4 UDP E . -15.35 -3.91 0.16
C1' UDP E . -20.24 -1.84 -0.85
C2' UDP E . -20.67 -0.59 -0.10
O2' UDP E . -21.41 -0.96 1.04
C3' UDP E . -21.54 0.07 -1.15
C4' UDP E . -20.86 -0.33 -2.46
O4' UDP E . -20.35 -1.59 -2.23
O3' UDP E . -22.87 -0.47 -1.06
C5' UDP E . -19.54 0.42 -2.64
O5' UDP E . -19.88 1.73 -2.45
PA UDP E . -19.29 2.81 -1.42
O1A UDP E . -18.50 2.45 -0.21
O2A UDP E . -20.53 3.54 -1.09
O3A UDP E . -18.39 3.69 -2.41
PB UDP E . -18.77 5.19 -2.87
O1B UDP E . -17.82 5.52 -3.96
O2B UDP E . -18.60 6.09 -1.70
O3B UDP E . -20.15 5.27 -3.40
C1 EDO F . -22.63 10.11 -28.36
O1 EDO F . -23.30 10.38 -29.59
C2 EDO F . -21.54 9.05 -28.57
O2 EDO F . -22.13 7.78 -28.90
C1 EDO G . -21.00 -3.20 16.11
O1 EDO G . -22.42 -3.12 15.98
C2 EDO G . -20.64 -4.10 17.28
O2 EDO G . -19.63 -5.05 16.89
C1 EDO H . -21.39 18.76 3.47
O1 EDO H . -20.58 19.55 2.59
C2 EDO H . -22.21 19.70 4.36
O2 EDO H . -22.82 19.00 5.44
C1 GOL I . 0.43 9.35 -26.63
O1 GOL I . 0.64 8.12 -25.97
C2 GOL I . -0.34 9.14 -27.94
O2 GOL I . -1.13 7.97 -27.84
C3 GOL I . -1.25 10.34 -28.21
O3 GOL I . -0.73 11.50 -27.59
C1 GOL J . -30.26 10.63 -27.03
O1 GOL J . -31.46 10.26 -26.38
C2 GOL J . -29.33 9.42 -27.00
O2 GOL J . -28.21 9.70 -27.81
C3 GOL J . -30.05 8.16 -27.47
O3 GOL J . -29.30 7.00 -27.17
C1 GOL K . 3.34 1.45 -3.79
O1 GOL K . 4.45 2.13 -4.34
C2 GOL K . 3.63 -0.04 -3.66
O2 GOL K . 3.59 -0.70 -4.91
C3 GOL K . 2.61 -0.66 -2.71
O3 GOL K . 3.06 -1.93 -2.34
C1 EDO L . -29.76 1.34 15.50
O1 EDO L . -29.35 0.46 16.54
C2 EDO L . -31.27 1.57 15.55
O2 EDO L . -31.59 2.65 14.65
C1 EDO M . -22.13 -13.18 -11.92
O1 EDO M . -21.22 -14.08 -11.27
C2 EDO M . -22.55 -13.77 -13.27
O2 EDO M . -22.41 -12.76 -14.28
MN MN N . -21.84 4.83 -2.01
MN MN O . -37.03 -13.76 1.88
MN MN P . 27.40 -5.42 11.15
N1 UDP Q . 27.71 1.27 14.95
C2 UDP Q . 27.90 2.59 15.31
N3 UDP Q . 27.54 3.05 16.55
C4 UDP Q . 26.97 2.17 17.44
C5 UDP Q . 26.77 0.84 17.08
C6 UDP Q . 27.30 0.37 15.88
O2 UDP Q . 28.39 3.38 14.51
O4 UDP Q . 26.65 2.58 18.56
C1' UDP Q . 28.06 0.85 13.58
C2' UDP Q . 28.90 -0.42 13.53
O2' UDP Q . 30.26 -0.09 13.61
C3' UDP Q . 28.47 -1.04 12.21
C4' UDP Q . 27.05 -0.55 12.00
O4' UDP Q . 26.85 0.54 12.89
O3' UDP Q . 29.29 -0.62 11.13
C5' UDP Q . 26.03 -1.64 12.30
O5' UDP Q . 26.24 -2.10 13.63
PA UDP Q . 26.74 -3.59 13.95
O1A UDP Q . 27.63 -4.12 12.91
O2A UDP Q . 27.42 -3.65 15.26
O3A UDP Q . 25.34 -4.42 14.01
PB UDP Q . 24.98 -5.84 13.28
O1B UDP Q . 25.27 -5.81 11.82
O2B UDP Q . 25.78 -6.94 13.89
O3B UDP Q . 23.52 -6.01 13.46
C1 EDO R . 21.07 -18.99 -0.04
O1 EDO R . 22.18 -19.63 0.62
C2 EDO R . 19.82 -19.23 0.78
O2 EDO R . 18.69 -18.77 0.03
C1 EDO S . 15.79 5.40 25.12
O1 EDO S . 15.96 4.02 24.78
C2 EDO S . 14.34 5.80 24.97
O2 EDO S . 14.24 7.20 25.21
C1 EDO T . 0.22 -21.12 10.11
O1 EDO T . -1.13 -21.43 9.76
C2 EDO T . 1.16 -21.63 9.00
O2 EDO T . 0.70 -21.19 7.72
C1 GOL U . 9.53 -8.03 -9.49
O1 GOL U . 10.83 -7.64 -9.86
C2 GOL U . 8.80 -6.83 -8.88
O2 GOL U . 8.37 -7.19 -7.58
C3 GOL U . 9.67 -5.56 -8.94
O3 GOL U . 9.18 -4.46 -8.18
C1 GOL V . 40.56 -18.93 18.16
O1 GOL V . 41.78 -19.58 18.43
C2 GOL V . 39.91 -19.53 16.91
O2 GOL V . 38.55 -19.12 16.89
C3 GOL V . 40.02 -21.05 16.94
O3 GOL V . 39.42 -21.65 15.81
C1 GOL W . 36.08 15.90 11.02
O1 GOL W . 35.33 15.59 12.18
C2 GOL W . 37.10 17.03 11.22
O2 GOL W . 36.52 18.22 11.72
C3 GOL W . 37.87 17.32 9.93
O3 GOL W . 37.21 18.21 9.05
C1 GOL X . 9.47 -15.75 37.46
O1 GOL X . 8.40 -16.45 38.07
C2 GOL X . 9.37 -14.27 37.77
O2 GOL X . 8.24 -14.03 38.57
C3 GOL X . 9.25 -13.47 36.47
O3 GOL X . 10.44 -13.61 35.72
C1 GOL Y . 3.41 -5.35 -2.58
O1 GOL Y . 4.40 -4.69 -3.34
C2 GOL Y . 3.37 -6.82 -2.96
O2 GOL Y . 3.90 -7.60 -1.91
C3 GOL Y . 4.20 -7.10 -4.20
O3 GOL Y . 4.47 -8.48 -4.30
C1 EDO Z . 47.37 -3.91 12.61
O1 EDO Z . 46.47 -4.65 11.77
C2 EDO Z . 47.06 -4.21 14.09
O2 EDO Z . 46.19 -3.21 14.62
C1 EDO AA . 36.21 9.00 23.03
O1 EDO AA . 37.14 7.97 23.38
C2 EDO AA . 36.86 9.97 22.05
O2 EDO AA . 37.96 10.64 22.69
C1 EDO BA . 18.34 3.92 -19.14
O1 EDO BA . 17.96 2.86 -18.26
C2 EDO BA . 19.46 4.70 -18.45
O2 EDO BA . 19.68 5.96 -19.09
C1 EDO CA . 42.46 2.08 23.59
O1 EDO CA . 42.92 3.40 23.89
C2 EDO CA . 43.53 1.36 22.76
O2 EDO CA . 43.00 0.16 22.20
MN MN DA . 33.29 3.04 23.84
O5 A2G EA . -26.00 17.52 -9.71
C1 A2G EA . -25.21 17.82 -8.57
C2 A2G EA . -26.08 17.91 -7.31
N2 A2G EA . -25.24 18.21 -6.17
C3 A2G EA . -26.81 16.59 -7.11
O3 A2G EA . -27.67 16.71 -6.00
C4 A2G EA . -27.61 16.29 -8.36
O4 A2G EA . -28.58 17.28 -8.48
C5 A2G EA . -26.73 16.31 -9.61
C6 A2G EA . -27.54 16.10 -10.89
O6 A2G EA . -26.69 15.65 -11.94
C7 A2G EA . -25.57 19.11 -5.24
O7 A2G EA . -26.59 19.79 -5.31
C8 A2G EA . -24.63 19.25 -4.07
O5 A2G FA . 3.09 22.34 -2.22
C1 A2G FA . 3.14 20.97 -2.53
C2 A2G FA . 3.57 20.74 -3.97
N2 A2G FA . 3.75 19.31 -4.16
C3 A2G FA . 4.86 21.50 -4.30
O3 A2G FA . 5.12 21.49 -5.68
C4 A2G FA . 4.77 22.96 -3.83
O4 A2G FA . 3.84 23.64 -4.64
C5 A2G FA . 4.32 23.01 -2.37
C6 A2G FA . 4.16 24.44 -1.87
O6 A2G FA . 2.81 24.80 -2.05
C7 A2G FA . 3.23 18.63 -5.18
O7 A2G FA . 2.44 19.09 -6.00
C8 A2G FA . 3.66 17.19 -5.28
O5 A2G GA . 21.66 -16.79 2.29
C1 A2G GA . 22.29 -17.37 3.43
C2 A2G GA . 23.79 -17.49 3.23
N2 A2G GA . 24.40 -18.06 4.42
C3 A2G GA . 24.39 -16.13 2.86
O3 A2G GA . 25.79 -16.23 2.63
C4 A2G GA . 23.68 -15.60 1.63
O4 A2G GA . 23.92 -16.48 0.56
C5 A2G GA . 22.18 -15.53 1.87
C6 A2G GA . 21.40 -15.08 0.63
O6 A2G GA . 20.13 -14.62 1.02
C7 A2G GA . 25.26 -19.08 4.35
O7 A2G GA . 25.71 -19.65 5.36
C8 A2G GA . 25.67 -19.53 2.99
O5 A2G HA . 12.77 -25.18 30.52
C1 A2G HA . 12.73 -23.77 30.52
C2 A2G HA . 11.33 -23.39 30.04
N2 A2G HA . 11.30 -22.07 29.43
C3 A2G HA . 10.35 -23.77 31.15
O3 A2G HA . 9.03 -23.32 30.91
C4 A2G HA . 10.40 -25.29 31.11
O4 A2G HA . 10.06 -25.68 29.79
C5 A2G HA . 11.82 -25.81 31.37
C6 A2G HA . 11.95 -27.30 31.16
O6 A2G HA . 12.76 -27.81 32.20
C7 A2G HA . 10.99 -20.91 29.98
O7 A2G HA . 11.23 -20.59 31.14
C8 A2G HA . 10.33 -19.98 29.01
#